data_5HK9
#
_entry.id   5HK9
#
_cell.length_a   169.270
_cell.length_b   84.066
_cell.length_c   89.153
_cell.angle_alpha   90.00
_cell.angle_beta   100.60
_cell.angle_gamma   90.00
#
_symmetry.space_group_name_H-M   'C 1 2 1'
#
loop_
_entity.id
_entity.type
_entity.pdbx_description
1 polymer 'CFTR inhibitory factor'
2 non-polymer "N-(4-{[4'-(carbamoylamino)-6-hydroxybiphenyl-3-yl]oxy}-3,5-dichlorophenyl)propanamide"
3 water water
#
_entity_poly.entity_id   1
_entity_poly.type   'polypeptide(L)'
_entity_poly.pdbx_seq_one_letter_code
;AEEFPVPNGFESAYREVDGVKLHYVKGGQGPLVMLVHGFGQTWYEWHQLMPELAKRFTVIAPDLPGLGQSEPPKTGYSGE
QVAVYLHKLARQFSPDRPFDLVAHDIGIWNTYPMVVKNQADIARLVYMEAPIPDARIYRFPAFTAQGESLVWHFSFFAAD
DRLAETLIAGKERFFLEHFIKSHASNTEVFSERLLDLYARSYAKPHSLNASFEYYRALNESVRQNAELAKTRLQMPTMTL
AGGGHGGMGTFQLEQMKAYAEDVEGHVLPGCGHWLPEECAAPMNRLVIDFLSRGRHHHHHH
;
_entity_poly.pdbx_strand_id   A,B,C,D
#
# COMPACT_ATOMS: atom_id res chain seq x y z
N ALA A 1 -13.89 28.17 11.61
CA ALA A 1 -13.73 26.73 11.48
C ALA A 1 -12.33 26.33 10.97
N GLU A 2 -11.86 25.17 11.38
CA GLU A 2 -10.54 24.70 10.95
C GLU A 2 -10.66 23.29 10.38
N GLU A 3 -10.12 23.09 9.18
CA GLU A 3 -10.15 21.78 8.56
C GLU A 3 -9.22 20.80 9.26
N PHE A 4 -8.16 21.31 9.89
CA PHE A 4 -7.17 20.48 10.57
C PHE A 4 -6.82 21.07 11.92
N PRO A 5 -6.45 20.22 12.88
CA PRO A 5 -6.15 20.73 14.24
C PRO A 5 -4.87 21.55 14.28
N VAL A 6 -4.96 22.73 14.85
CA VAL A 6 -3.81 23.62 14.95
C VAL A 6 -2.98 23.16 16.14
N PRO A 7 -1.66 23.07 15.96
CA PRO A 7 -0.82 22.68 17.10
C PRO A 7 -0.92 23.71 18.23
N ASN A 8 -0.73 23.23 19.45
CA ASN A 8 -0.82 24.07 20.63
C ASN A 8 0.16 25.24 20.51
N GLY A 9 -0.33 26.46 20.74
CA GLY A 9 0.54 27.63 20.69
C GLY A 9 0.71 28.24 19.30
N PHE A 10 0.03 27.67 18.32
CA PHE A 10 0.02 28.23 16.97
C PHE A 10 -1.32 28.95 16.77
N GLU A 11 -1.37 29.87 15.81
CA GLU A 11 -2.62 30.52 15.44
C GLU A 11 -2.94 30.25 13.98
N SER A 12 -4.23 30.17 13.69
CA SER A 12 -4.71 30.00 12.34
C SER A 12 -5.29 31.35 11.93
N ALA A 13 -4.79 31.91 10.84
CA ALA A 13 -5.22 33.25 10.44
C ALA A 13 -5.24 33.37 8.94
N TYR A 14 -5.59 34.55 8.45
CA TYR A 14 -5.67 34.78 7.01
C TYR A 14 -5.04 36.10 6.68
N ARG A 15 -4.47 36.19 5.50
CA ARG A 15 -3.89 37.43 5.04
C ARG A 15 -4.30 37.64 3.59
N GLU A 16 -4.84 38.82 3.32
CA GLU A 16 -5.24 39.18 1.97
C GLU A 16 -3.99 39.61 1.21
N VAL A 17 -3.71 38.96 0.10
CA VAL A 17 -2.53 39.26 -0.70
C VAL A 17 -2.96 39.40 -2.16
N ASP A 18 -2.87 40.61 -2.71
CA ASP A 18 -3.29 40.86 -4.09
C ASP A 18 -4.72 40.39 -4.34
N GLY A 19 -5.60 40.68 -3.38
CA GLY A 19 -7.01 40.38 -3.54
C GLY A 19 -7.37 38.93 -3.23
N VAL A 20 -6.38 38.16 -2.78
CA VAL A 20 -6.61 36.74 -2.50
C VAL A 20 -6.39 36.45 -1.02
N LYS A 21 -7.40 35.88 -0.38
CA LYS A 21 -7.31 35.57 1.05
C LYS A 21 -6.59 34.24 1.25
N LEU A 22 -5.39 34.33 1.79
CA LEU A 22 -4.58 33.14 2.04
C LEU A 22 -4.67 32.73 3.49
N HIS A 23 -4.92 31.44 3.73
CA HIS A 23 -4.92 30.90 5.09
C HIS A 23 -3.51 30.46 5.46
N TYR A 24 -3.13 30.64 6.71
CA TYR A 24 -1.85 30.15 7.17
C TYR A 24 -1.95 29.80 8.65
N VAL A 25 -1.00 28.98 9.11
CA VAL A 25 -0.86 28.66 10.52
C VAL A 25 0.53 29.15 10.90
N LYS A 26 0.60 29.87 12.02
CA LYS A 26 1.83 30.55 12.42
C LYS A 26 2.13 30.34 13.89
N GLY A 27 3.41 30.21 14.22
CA GLY A 27 3.81 30.12 15.62
C GLY A 27 5.30 30.33 15.77
N GLY A 28 5.74 30.48 17.02
CA GLY A 28 7.17 30.58 17.27
C GLY A 28 7.68 32.00 17.22
N GLN A 29 8.99 32.13 17.37
CA GLN A 29 9.67 33.41 17.45
C GLN A 29 11.04 33.29 16.82
N GLY A 30 11.55 34.40 16.30
CA GLY A 30 12.84 34.38 15.64
C GLY A 30 12.70 34.55 14.14
N PRO A 31 13.77 34.29 13.40
CA PRO A 31 13.75 34.43 11.93
C PRO A 31 12.65 33.59 11.31
N LEU A 32 12.10 34.06 10.19
CA LEU A 32 10.96 33.40 9.56
C LEU A 32 11.35 32.21 8.70
N VAL A 33 10.64 31.10 8.85
CA VAL A 33 10.68 29.99 7.91
C VAL A 33 9.28 29.75 7.39
N MET A 34 9.13 29.71 6.06
CA MET A 34 7.84 29.43 5.46
C MET A 34 7.87 28.00 4.92
N LEU A 35 6.84 27.22 5.24
CA LEU A 35 6.75 25.81 4.83
C LEU A 35 5.57 25.70 3.87
N VAL A 36 5.81 25.18 2.67
CA VAL A 36 4.81 25.18 1.62
C VAL A 36 4.51 23.74 1.18
N HIS A 37 3.26 23.32 1.39
CA HIS A 37 2.80 21.94 1.15
C HIS A 37 2.61 21.67 -0.34
N GLY A 38 2.26 20.43 -0.66
CA GLY A 38 2.02 20.05 -2.03
C GLY A 38 0.65 19.45 -2.28
N PHE A 39 0.54 18.75 -3.41
CA PHE A 39 -0.74 18.24 -3.86
C PHE A 39 -1.30 17.16 -2.93
N GLY A 40 -2.63 17.18 -2.76
CA GLY A 40 -3.33 16.16 -1.98
C GLY A 40 -3.37 16.53 -0.51
N GLN A 41 -2.66 17.60 -0.17
CA GLN A 41 -2.49 17.96 1.24
C GLN A 41 -2.65 19.46 1.46
N THR A 42 -2.30 19.92 2.66
CA THR A 42 -2.49 21.30 3.09
C THR A 42 -1.36 21.61 4.04
N TRP A 43 -1.42 22.76 4.72
CA TRP A 43 -0.42 23.12 5.72
C TRP A 43 -0.20 21.98 6.73
N TYR A 44 -1.24 21.17 6.95
CA TYR A 44 -1.21 20.14 7.98
C TYR A 44 -0.09 19.12 7.84
N GLU A 45 0.45 18.90 6.63
CA GLU A 45 1.51 17.92 6.49
C GLU A 45 2.73 18.30 7.36
N TRP A 46 2.83 19.58 7.67
CA TRP A 46 3.95 20.12 8.43
C TRP A 46 3.72 20.14 9.93
N HIS A 47 2.57 19.63 10.39
CA HIS A 47 2.16 19.87 11.77
C HIS A 47 3.06 19.21 12.82
N GLN A 48 3.79 18.17 12.46
CA GLN A 48 4.69 17.52 13.41
C GLN A 48 6.04 18.24 13.43
N LEU A 49 6.42 18.80 12.29
CA LEU A 49 7.67 19.58 12.20
C LEU A 49 7.55 20.95 12.85
N MET A 50 6.37 21.54 12.76
CA MET A 50 6.18 22.95 13.15
C MET A 50 6.55 23.31 14.62
N PRO A 51 6.07 22.54 15.61
CA PRO A 51 6.37 22.90 17.00
C PRO A 51 7.87 22.86 17.29
N GLU A 52 8.57 21.95 16.61
CA GLU A 52 10.01 21.79 16.77
CA GLU A 52 10.00 21.82 16.81
C GLU A 52 10.76 22.99 16.19
N LEU A 53 10.42 23.35 14.95
CA LEU A 53 11.00 24.54 14.33
C LEU A 53 10.69 25.80 15.12
N ALA A 54 9.50 25.85 15.71
CA ALA A 54 9.02 27.06 16.37
C ALA A 54 9.81 27.36 17.64
N LYS A 55 10.66 26.42 18.05
CA LYS A 55 11.56 26.66 19.18
C LYS A 55 12.68 27.60 18.77
N ARG A 56 12.96 27.69 17.47
CA ARG A 56 14.11 28.45 16.98
C ARG A 56 13.72 29.47 15.91
N PHE A 57 12.53 29.32 15.34
CA PHE A 57 12.11 30.21 14.26
C PHE A 57 10.67 30.66 14.41
N THR A 58 10.33 31.74 13.73
CA THR A 58 8.94 32.05 13.49
C THR A 58 8.56 31.20 12.29
N VAL A 59 7.52 30.38 12.46
CA VAL A 59 7.14 29.45 11.41
C VAL A 59 5.77 29.79 10.83
N ILE A 60 5.71 29.86 9.50
CA ILE A 60 4.42 30.03 8.82
CA ILE A 60 4.41 30.03 8.82
C ILE A 60 4.20 28.91 7.81
N ALA A 61 2.99 28.38 7.78
CA ALA A 61 2.64 27.31 6.85
C ALA A 61 1.33 27.70 6.17
N PRO A 62 1.41 28.24 4.96
CA PRO A 62 0.19 28.65 4.28
C PRO A 62 -0.46 27.51 3.49
N ASP A 63 -1.74 27.69 3.18
CA ASP A 63 -2.39 26.81 2.22
C ASP A 63 -2.20 27.41 0.84
N LEU A 64 -1.82 26.58 -0.13
CA LEU A 64 -1.66 27.04 -1.50
C LEU A 64 -2.98 27.61 -2.02
N PRO A 65 -2.91 28.60 -2.93
CA PRO A 65 -4.13 29.20 -3.45
C PRO A 65 -5.11 28.17 -3.96
N GLY A 66 -6.35 28.24 -3.46
CA GLY A 66 -7.40 27.32 -3.85
C GLY A 66 -7.45 26.04 -3.03
N LEU A 67 -6.38 25.74 -2.31
CA LEU A 67 -6.30 24.50 -1.54
C LEU A 67 -6.45 24.83 -0.07
N GLY A 68 -6.74 23.82 0.75
CA GLY A 68 -7.01 24.07 2.16
C GLY A 68 -8.05 25.16 2.32
N GLN A 69 -7.72 26.17 3.13
CA GLN A 69 -8.63 27.27 3.40
C GLN A 69 -8.25 28.56 2.68
N SER A 70 -7.40 28.45 1.65
CA SER A 70 -7.00 29.62 0.85
C SER A 70 -7.86 29.80 -0.40
N GLU A 71 -8.18 31.05 -0.72
CA GLU A 71 -8.90 31.37 -1.95
C GLU A 71 -8.07 31.03 -3.18
N PRO A 72 -8.73 30.68 -4.29
CA PRO A 72 -8.04 30.50 -5.57
C PRO A 72 -7.31 31.77 -5.99
N PRO A 73 -6.24 31.62 -6.78
CA PRO A 73 -5.51 32.80 -7.26
C PRO A 73 -6.39 33.55 -8.26
N LYS A 74 -6.20 34.85 -8.37
CA LYS A 74 -6.95 35.65 -9.33
C LYS A 74 -6.18 35.85 -10.64
N THR A 75 -4.86 35.69 -10.60
CA THR A 75 -4.06 35.80 -11.80
C THR A 75 -4.09 34.48 -12.58
N GLY A 76 -3.50 33.44 -12.01
CA GLY A 76 -3.48 32.13 -12.65
C GLY A 76 -2.70 31.14 -11.79
N TYR A 77 -2.51 29.94 -12.31
CA TYR A 77 -1.91 28.87 -11.50
C TYR A 77 -0.50 28.50 -11.91
N SER A 78 0.09 29.22 -12.83
CA SER A 78 1.46 28.94 -13.21
C SER A 78 2.38 29.28 -12.04
N GLY A 79 3.56 28.67 -12.01
CA GLY A 79 4.46 28.81 -10.88
C GLY A 79 4.79 30.26 -10.62
N GLU A 80 5.00 31.03 -11.68
CA GLU A 80 5.42 32.41 -11.51
C GLU A 80 4.31 33.26 -10.89
N GLN A 81 3.07 33.01 -11.31
CA GLN A 81 1.91 33.72 -10.79
C GLN A 81 1.65 33.41 -9.32
N VAL A 82 1.66 32.13 -8.98
CA VAL A 82 1.42 31.72 -7.60
C VAL A 82 2.55 32.15 -6.66
N ALA A 83 3.79 32.13 -7.16
CA ALA A 83 4.95 32.49 -6.34
C ALA A 83 4.84 33.91 -5.81
N VAL A 84 4.21 34.79 -6.60
CA VAL A 84 4.02 36.19 -6.18
C VAL A 84 3.23 36.23 -4.88
N TYR A 85 2.16 35.45 -4.79
CA TYR A 85 1.35 35.44 -3.57
C TYR A 85 2.16 34.97 -2.37
N LEU A 86 2.89 33.88 -2.55
CA LEU A 86 3.70 33.31 -1.47
C LEU A 86 4.85 34.24 -1.04
N HIS A 87 5.49 34.89 -2.01
CA HIS A 87 6.56 35.83 -1.71
C HIS A 87 6.03 37.03 -0.90
N LYS A 88 4.95 37.62 -1.36
CA LYS A 88 4.37 38.76 -0.66
C LYS A 88 3.89 38.39 0.73
N LEU A 89 3.31 37.20 0.88
CA LEU A 89 2.87 36.73 2.18
C LEU A 89 4.06 36.67 3.15
N ALA A 90 5.10 35.95 2.74
CA ALA A 90 6.30 35.82 3.58
C ALA A 90 6.88 37.18 3.95
N ARG A 91 6.94 38.08 2.97
CA ARG A 91 7.56 39.37 3.21
C ARG A 91 6.73 40.27 4.13
N GLN A 92 5.44 39.97 4.27
CA GLN A 92 4.64 40.70 5.26
C GLN A 92 5.17 40.43 6.65
N PHE A 93 5.58 39.18 6.88
CA PHE A 93 6.06 38.78 8.20
C PHE A 93 7.57 38.97 8.36
N SER A 94 8.26 39.13 7.24
CA SER A 94 9.71 39.34 7.28
C SER A 94 10.13 40.42 6.27
N PRO A 95 9.72 41.68 6.51
CA PRO A 95 9.93 42.75 5.53
C PRO A 95 11.38 43.24 5.40
N ASP A 96 12.20 43.06 6.43
CA ASP A 96 13.54 43.66 6.48
C ASP A 96 14.65 42.63 6.64
N ARG A 97 14.30 41.36 6.58
CA ARG A 97 15.28 40.29 6.73
C ARG A 97 14.93 39.15 5.78
N PRO A 98 15.94 38.42 5.31
CA PRO A 98 15.62 37.25 4.48
C PRO A 98 14.99 36.15 5.32
N PHE A 99 14.25 35.27 4.67
CA PHE A 99 13.57 34.18 5.37
C PHE A 99 13.98 32.84 4.75
N ASP A 100 13.72 31.76 5.50
CA ASP A 100 13.98 30.40 5.03
C ASP A 100 12.74 29.82 4.34
N LEU A 101 12.96 28.89 3.42
CA LEU A 101 11.88 28.27 2.67
C LEU A 101 12.04 26.76 2.64
N VAL A 102 10.98 26.04 2.99
CA VAL A 102 10.92 24.58 2.84
C VAL A 102 9.68 24.27 1.99
N ALA A 103 9.84 23.48 0.93
CA ALA A 103 8.71 23.24 0.07
C ALA A 103 8.70 21.79 -0.36
N HIS A 104 7.49 21.22 -0.43
CA HIS A 104 7.29 19.82 -0.77
C HIS A 104 6.40 19.74 -2.01
N ASP A 105 6.76 18.88 -2.97
CA ASP A 105 5.86 18.59 -4.08
C ASP A 105 5.55 19.87 -4.89
N ILE A 106 4.28 20.15 -5.17
CA ILE A 106 4.01 21.32 -6.02
C ILE A 106 4.30 22.63 -5.27
N GLY A 107 4.59 22.53 -3.99
CA GLY A 107 5.14 23.68 -3.26
C GLY A 107 6.41 24.18 -3.93
N ILE A 108 7.18 23.26 -4.52
CA ILE A 108 8.37 23.65 -5.27
C ILE A 108 8.01 24.44 -6.52
N TRP A 109 7.09 23.90 -7.32
CA TRP A 109 6.63 24.59 -8.52
C TRP A 109 6.20 26.01 -8.18
N ASN A 110 5.52 26.15 -7.05
CA ASN A 110 4.93 27.43 -6.66
C ASN A 110 5.84 28.40 -5.89
N THR A 111 7.10 28.03 -5.69
CA THR A 111 8.03 28.93 -5.01
C THR A 111 9.27 29.19 -5.81
N TYR A 112 9.65 28.26 -6.68
CA TYR A 112 10.90 28.42 -7.41
C TYR A 112 11.06 29.79 -8.10
N PRO A 113 10.03 30.27 -8.82
CA PRO A 113 10.23 31.58 -9.46
C PRO A 113 10.44 32.73 -8.50
N MET A 114 9.82 32.72 -7.32
CA MET A 114 10.06 33.85 -6.40
C MET A 114 11.45 33.74 -5.75
N VAL A 115 11.97 32.53 -5.63
CA VAL A 115 13.32 32.34 -5.10
C VAL A 115 14.37 32.89 -6.08
N VAL A 116 14.23 32.52 -7.34
CA VAL A 116 15.22 32.93 -8.33
C VAL A 116 15.11 34.43 -8.62
N LYS A 117 13.90 34.98 -8.49
CA LYS A 117 13.73 36.41 -8.76
C LYS A 117 14.01 37.32 -7.57
N ASN A 118 14.05 36.73 -6.37
CA ASN A 118 14.34 37.48 -5.15
C ASN A 118 15.36 36.77 -4.26
N GLN A 119 16.53 36.48 -4.83
CA GLN A 119 17.50 35.64 -4.13
C GLN A 119 17.92 36.19 -2.76
N ALA A 120 18.10 37.49 -2.67
CA ALA A 120 18.48 38.10 -1.40
C ALA A 120 17.43 37.95 -0.30
N ASP A 121 16.18 37.64 -0.67
CA ASP A 121 15.11 37.42 0.31
C ASP A 121 15.10 36.02 0.92
N ILE A 122 15.85 35.09 0.33
CA ILE A 122 15.86 33.69 0.75
C ILE A 122 17.20 33.31 1.37
N ALA A 123 17.24 33.12 2.68
CA ALA A 123 18.49 32.79 3.35
C ALA A 123 18.93 31.36 3.02
N ARG A 124 18.02 30.41 3.26
CA ARG A 124 18.30 28.98 3.07
C ARG A 124 17.07 28.32 2.50
N LEU A 125 17.26 27.24 1.73
CA LEU A 125 16.20 26.64 0.95
C LEU A 125 16.24 25.13 1.14
N VAL A 126 15.08 24.51 1.33
CA VAL A 126 14.95 23.05 1.34
C VAL A 126 13.82 22.66 0.41
N TYR A 127 14.14 21.84 -0.59
CA TYR A 127 13.14 21.34 -1.51
C TYR A 127 13.07 19.83 -1.40
N MET A 128 11.86 19.28 -1.39
CA MET A 128 11.75 17.82 -1.34
C MET A 128 10.66 17.29 -2.25
N GLU A 129 10.97 16.18 -2.93
CA GLU A 129 9.95 15.35 -3.55
C GLU A 129 9.06 16.02 -4.62
N ALA A 130 9.70 16.60 -5.62
CA ALA A 130 9.04 16.99 -6.89
C ALA A 130 10.09 17.57 -7.81
N PRO A 131 9.94 17.34 -9.12
CA PRO A 131 10.80 18.04 -10.06
C PRO A 131 10.43 19.52 -10.13
N ILE A 132 11.44 20.36 -10.23
CA ILE A 132 11.23 21.73 -10.67
C ILE A 132 10.71 21.60 -12.09
N PRO A 133 9.65 22.36 -12.42
CA PRO A 133 9.14 22.21 -13.79
C PRO A 133 10.16 22.63 -14.85
N ASP A 134 10.59 21.66 -15.64
CA ASP A 134 11.44 21.91 -16.80
C ASP A 134 11.30 20.74 -17.79
N ALA A 135 12.09 20.77 -18.86
CA ALA A 135 11.98 19.75 -19.91
C ALA A 135 12.22 18.31 -19.45
N ARG A 136 12.89 18.14 -18.30
CA ARG A 136 13.10 16.80 -17.75
C ARG A 136 11.78 16.07 -17.52
N ILE A 137 10.72 16.82 -17.24
CA ILE A 137 9.44 16.17 -16.98
C ILE A 137 8.83 15.46 -18.18
N TYR A 138 9.26 15.84 -19.38
CA TYR A 138 8.76 15.21 -20.61
C TYR A 138 9.43 13.87 -20.87
N ARG A 139 10.39 13.51 -20.01
CA ARG A 139 11.13 12.26 -20.15
C ARG A 139 10.59 11.16 -19.25
N PHE A 140 9.78 11.51 -18.27
N PHE A 140 9.78 11.45 -18.19
CA PHE A 140 9.23 10.50 -17.34
CA PHE A 140 9.23 10.44 -17.26
C PHE A 140 8.30 9.58 -18.12
C PHE A 140 8.31 9.52 -18.04
N PRO A 141 8.39 8.26 -17.86
CA PRO A 141 7.57 7.28 -18.59
C PRO A 141 6.10 7.24 -18.13
N ALA A 142 5.22 6.99 -19.10
CA ALA A 142 3.80 6.80 -18.84
C ALA A 142 3.53 5.49 -18.10
N PHE A 143 4.42 4.52 -18.25
CA PHE A 143 4.15 3.17 -17.76
C PHE A 143 5.47 2.47 -17.49
N THR A 144 5.54 1.65 -16.44
CA THR A 144 6.79 0.97 -16.13
C THR A 144 6.66 -0.55 -16.05
N ALA A 145 7.81 -1.21 -16.03
CA ALA A 145 7.85 -2.67 -15.95
C ALA A 145 7.27 -3.17 -14.61
N GLN A 146 7.09 -2.25 -13.67
CA GLN A 146 6.46 -2.57 -12.37
C GLN A 146 4.96 -2.24 -12.29
N GLY A 147 4.47 -1.48 -13.27
CA GLY A 147 3.06 -1.08 -13.29
C GLY A 147 2.90 0.42 -13.42
N GLU A 148 1.91 0.98 -12.73
CA GLU A 148 1.63 2.42 -12.83
C GLU A 148 2.87 3.25 -12.43
N SER A 149 3.16 4.27 -13.24
CA SER A 149 4.37 5.08 -13.10
C SER A 149 4.16 6.23 -12.12
N LEU A 150 5.23 6.97 -11.85
CA LEU A 150 5.18 8.06 -10.87
C LEU A 150 4.29 9.23 -11.27
N VAL A 151 4.31 9.61 -12.56
CA VAL A 151 3.66 10.87 -12.92
C VAL A 151 2.65 10.80 -14.05
N TRP A 152 2.04 9.65 -14.26
CA TRP A 152 1.00 9.54 -15.29
C TRP A 152 -0.13 10.49 -15.01
N HIS A 153 -0.32 10.82 -13.73
CA HIS A 153 -1.41 11.69 -13.34
C HIS A 153 -1.22 13.12 -13.89
N PHE A 154 0.00 13.50 -14.25
CA PHE A 154 0.23 14.81 -14.86
C PHE A 154 -0.72 14.98 -16.04
N SER A 155 -0.78 13.96 -16.90
CA SER A 155 -1.62 14.05 -18.09
C SER A 155 -3.11 13.93 -17.73
N PHE A 156 -3.43 13.06 -16.77
CA PHE A 156 -4.81 12.89 -16.30
C PHE A 156 -5.35 14.23 -15.80
N PHE A 157 -4.57 14.87 -14.93
CA PHE A 157 -4.99 16.12 -14.31
C PHE A 157 -5.00 17.27 -15.32
N ALA A 158 -4.10 17.23 -16.29
CA ALA A 158 -4.00 18.30 -17.28
C ALA A 158 -5.00 18.16 -18.43
N ALA A 159 -5.61 16.99 -18.53
CA ALA A 159 -6.56 16.72 -19.61
C ALA A 159 -7.70 17.74 -19.68
N ASP A 160 -8.11 18.08 -20.90
CA ASP A 160 -9.21 19.03 -21.06
CA ASP A 160 -9.21 19.01 -21.11
C ASP A 160 -10.56 18.39 -20.71
N ASP A 161 -11.64 19.15 -20.91
CA ASP A 161 -13.00 18.68 -20.66
C ASP A 161 -13.26 18.40 -19.19
N ARG A 162 -12.40 18.93 -18.31
CA ARG A 162 -12.49 18.68 -16.87
C ARG A 162 -12.60 17.18 -16.61
N LEU A 163 -11.81 16.41 -17.34
CA LEU A 163 -11.84 14.96 -17.25
C LEU A 163 -11.63 14.53 -15.79
N ALA A 164 -10.57 15.02 -15.16
CA ALA A 164 -10.25 14.60 -13.80
C ALA A 164 -11.31 14.96 -12.77
N GLU A 165 -11.79 16.21 -12.78
CA GLU A 165 -12.87 16.60 -11.85
C GLU A 165 -14.13 15.80 -12.09
N THR A 166 -14.45 15.56 -13.36
CA THR A 166 -15.67 14.84 -13.67
C THR A 166 -15.62 13.41 -13.14
N LEU A 167 -14.46 12.76 -13.26
CA LEU A 167 -14.34 11.38 -12.79
C LEU A 167 -14.20 11.30 -11.27
N ILE A 168 -13.47 12.25 -10.70
CA ILE A 168 -13.13 12.19 -9.27
C ILE A 168 -14.19 12.77 -8.31
N ALA A 169 -14.97 13.75 -8.77
CA ALA A 169 -16.02 14.33 -7.92
C ALA A 169 -16.92 13.22 -7.36
N GLY A 170 -17.12 13.22 -6.05
CA GLY A 170 -17.93 12.20 -5.41
C GLY A 170 -17.14 10.98 -4.96
N LYS A 171 -15.90 10.88 -5.44
CA LYS A 171 -15.03 9.76 -5.10
C LYS A 171 -13.67 10.29 -4.68
N GLU A 172 -13.66 11.45 -4.04
CA GLU A 172 -12.41 12.10 -3.69
C GLU A 172 -11.63 11.28 -2.67
N ARG A 173 -12.35 10.72 -1.72
CA ARG A 173 -11.73 9.99 -0.62
C ARG A 173 -11.09 8.69 -1.14
N PHE A 174 -11.81 8.01 -2.02
CA PHE A 174 -11.29 6.80 -2.66
C PHE A 174 -10.04 7.12 -3.46
N PHE A 175 -10.14 8.14 -4.30
CA PHE A 175 -9.01 8.49 -5.16
C PHE A 175 -7.78 8.89 -4.36
N LEU A 176 -7.97 9.74 -3.35
CA LEU A 176 -6.84 10.23 -2.60
C LEU A 176 -6.12 9.11 -1.85
N GLU A 177 -6.88 8.17 -1.29
CA GLU A 177 -6.24 7.05 -0.62
C GLU A 177 -5.38 6.27 -1.63
N HIS A 178 -5.90 6.02 -2.83
CA HIS A 178 -5.09 5.32 -3.82
C HIS A 178 -3.86 6.14 -4.22
N PHE A 179 -4.05 7.42 -4.51
CA PHE A 179 -2.94 8.27 -4.92
C PHE A 179 -1.83 8.32 -3.86
N ILE A 180 -2.22 8.53 -2.61
CA ILE A 180 -1.23 8.69 -1.56
C ILE A 180 -0.50 7.37 -1.35
N LYS A 181 -1.25 6.30 -1.16
CA LYS A 181 -0.62 5.00 -0.86
C LYS A 181 0.25 4.48 -2.02
N SER A 182 -0.16 4.77 -3.25
CA SER A 182 0.58 4.30 -4.42
C SER A 182 1.90 5.01 -4.53
N HIS A 183 2.01 6.18 -3.89
CA HIS A 183 3.25 6.95 -3.89
C HIS A 183 3.98 6.86 -2.55
N ALA A 184 3.60 5.88 -1.73
CA ALA A 184 4.23 5.72 -0.43
C ALA A 184 5.00 4.40 -0.29
N SER A 185 5.97 4.40 0.61
CA SER A 185 6.69 3.19 1.01
CA SER A 185 6.68 3.18 1.00
C SER A 185 6.12 2.71 2.33
N ASN A 186 6.02 3.64 3.28
CA ASN A 186 5.42 3.36 4.58
C ASN A 186 3.95 3.74 4.56
N THR A 187 3.11 2.89 3.99
CA THR A 187 1.70 3.23 3.82
C THR A 187 0.95 3.28 5.14
N GLU A 188 1.47 2.56 6.14
CA GLU A 188 0.78 2.40 7.42
C GLU A 188 0.44 3.73 8.12
N VAL A 189 1.21 4.78 7.86
CA VAL A 189 0.95 6.07 8.51
C VAL A 189 -0.32 6.73 7.98
N PHE A 190 -0.79 6.31 6.82
CA PHE A 190 -2.02 6.89 6.29
C PHE A 190 -3.27 6.18 6.79
N SER A 191 -3.58 6.43 8.06
CA SER A 191 -4.77 5.89 8.70
C SER A 191 -5.99 6.43 8.00
N GLU A 192 -7.10 5.73 8.17
CA GLU A 192 -8.36 6.19 7.60
C GLU A 192 -8.72 7.56 8.16
N ARG A 193 -8.38 7.81 9.41
CA ARG A 193 -8.69 9.08 10.03
C ARG A 193 -7.95 10.22 9.33
N LEU A 194 -6.66 10.02 9.07
CA LEU A 194 -5.87 11.06 8.42
C LEU A 194 -6.33 11.29 6.97
N LEU A 195 -6.55 10.21 6.25
CA LEU A 195 -7.06 10.32 4.89
C LEU A 195 -8.41 11.04 4.86
N ASP A 196 -9.27 10.78 5.85
CA ASP A 196 -10.55 11.48 5.90
C ASP A 196 -10.32 13.01 5.97
N LEU A 197 -9.38 13.44 6.80
CA LEU A 197 -9.11 14.88 6.95
C LEU A 197 -8.66 15.51 5.64
N TYR A 198 -7.65 14.92 5.02
CA TYR A 198 -7.17 15.42 3.74
C TYR A 198 -8.24 15.38 2.64
N ALA A 199 -9.00 14.29 2.58
CA ALA A 199 -10.02 14.17 1.53
C ALA A 199 -11.14 15.20 1.69
N ARG A 200 -11.55 15.46 2.92
CA ARG A 200 -12.61 16.44 3.17
C ARG A 200 -12.18 17.82 2.66
N SER A 201 -10.90 18.14 2.80
CA SER A 201 -10.42 19.43 2.34
C SER A 201 -10.40 19.56 0.82
N TYR A 202 -9.80 18.60 0.13
CA TYR A 202 -9.67 18.77 -1.31
C TYR A 202 -10.95 18.44 -2.08
N ALA A 203 -11.94 17.90 -1.38
CA ALA A 203 -13.25 17.65 -1.97
C ALA A 203 -14.11 18.90 -2.14
N LYS A 204 -13.76 20.00 -1.47
CA LYS A 204 -14.42 21.27 -1.74
C LYS A 204 -14.27 21.49 -3.24
N PRO A 205 -15.40 21.70 -3.95
CA PRO A 205 -15.35 21.79 -5.41
C PRO A 205 -14.28 22.74 -5.93
N HIS A 206 -14.15 23.94 -5.36
CA HIS A 206 -13.11 24.85 -5.82
C HIS A 206 -11.70 24.33 -5.55
N SER A 207 -11.55 23.47 -4.55
CA SER A 207 -10.23 22.91 -4.23
C SER A 207 -9.87 21.76 -5.15
N LEU A 208 -10.88 20.96 -5.51
CA LEU A 208 -10.65 19.86 -6.43
C LEU A 208 -10.22 20.47 -7.76
N ASN A 209 -10.94 21.49 -8.20
CA ASN A 209 -10.58 22.17 -9.43
C ASN A 209 -9.23 22.86 -9.34
N ALA A 210 -9.00 23.59 -8.25
CA ALA A 210 -7.70 24.25 -8.09
C ALA A 210 -6.54 23.26 -8.19
N SER A 211 -6.68 22.10 -7.54
CA SER A 211 -5.64 21.07 -7.58
C SER A 211 -5.19 20.77 -9.03
N PHE A 212 -6.16 20.62 -9.91
CA PHE A 212 -5.86 20.22 -11.30
C PHE A 212 -5.38 21.39 -12.13
N GLU A 213 -5.77 22.61 -11.77
CA GLU A 213 -5.31 23.78 -12.50
C GLU A 213 -3.81 23.97 -12.40
N TYR A 214 -3.20 23.52 -11.30
CA TYR A 214 -1.75 23.58 -11.19
C TYR A 214 -1.06 22.74 -12.28
N TYR A 215 -1.67 21.61 -12.64
CA TYR A 215 -1.16 20.76 -13.71
C TYR A 215 -1.49 21.32 -15.08
N ARG A 216 -2.67 21.94 -15.19
CA ARG A 216 -3.06 22.61 -16.43
C ARG A 216 -2.14 23.78 -16.76
N ALA A 217 -1.46 24.32 -15.73
CA ALA A 217 -0.49 25.39 -15.92
C ALA A 217 0.96 24.89 -16.00
N LEU A 218 1.16 23.58 -15.90
CA LEU A 218 2.51 23.03 -15.85
C LEU A 218 3.39 23.37 -17.07
N ASN A 219 2.84 23.25 -18.27
CA ASN A 219 3.62 23.60 -19.46
C ASN A 219 3.98 25.09 -19.45
N GLU A 220 3.08 25.93 -18.97
CA GLU A 220 3.40 27.36 -18.82
C GLU A 220 4.55 27.57 -17.84
N SER A 221 4.52 26.85 -16.71
CA SER A 221 5.59 26.98 -15.72
C SER A 221 6.92 26.50 -16.27
N VAL A 222 6.89 25.41 -17.04
CA VAL A 222 8.10 24.98 -17.73
C VAL A 222 8.64 26.11 -18.60
N ARG A 223 7.76 26.75 -19.35
CA ARG A 223 8.20 27.82 -20.25
C ARG A 223 8.77 29.00 -19.45
N GLN A 224 8.10 29.35 -18.36
CA GLN A 224 8.60 30.37 -17.47
C GLN A 224 10.00 30.03 -16.92
N ASN A 225 10.17 28.79 -16.48
CA ASN A 225 11.40 28.40 -15.81
C ASN A 225 12.60 28.29 -16.75
N ALA A 226 12.33 28.09 -18.04
CA ALA A 226 13.41 27.99 -19.01
C ALA A 226 14.17 29.32 -19.09
N GLU A 227 13.45 30.41 -18.88
CA GLU A 227 14.06 31.74 -18.84
C GLU A 227 14.72 32.00 -17.49
N LEU A 228 13.98 31.77 -16.41
CA LEU A 228 14.47 32.06 -15.06
C LEU A 228 15.73 31.28 -14.71
N ALA A 229 15.82 30.05 -15.20
CA ALA A 229 16.91 29.16 -14.81
C ALA A 229 18.26 29.59 -15.38
N LYS A 230 18.26 30.62 -16.22
CA LYS A 230 19.51 31.16 -16.75
C LYS A 230 20.41 31.73 -15.66
N THR A 231 19.86 31.89 -14.45
CA THR A 231 20.65 32.30 -13.30
CA THR A 231 20.64 32.31 -13.29
C THR A 231 20.51 31.28 -12.17
N ARG A 232 21.63 30.71 -11.75
CA ARG A 232 21.62 29.69 -10.70
C ARG A 232 21.34 30.28 -9.33
N LEU A 233 20.71 29.48 -8.47
CA LEU A 233 20.48 29.87 -7.09
C LEU A 233 21.78 29.89 -6.31
N GLN A 234 21.99 30.93 -5.50
CA GLN A 234 23.26 31.13 -4.80
C GLN A 234 23.24 30.77 -3.31
N MET A 235 22.05 30.63 -2.73
CA MET A 235 21.94 30.44 -1.28
C MET A 235 22.09 28.96 -0.92
N PRO A 236 22.46 28.66 0.33
CA PRO A 236 22.57 27.23 0.68
C PRO A 236 21.24 26.52 0.49
N THR A 237 21.29 25.38 -0.17
CA THR A 237 20.09 24.59 -0.48
CA THR A 237 20.08 24.60 -0.43
C THR A 237 20.30 23.14 -0.07
N MET A 238 19.21 22.48 0.34
CA MET A 238 19.21 21.06 0.62
C MET A 238 18.03 20.43 -0.10
N THR A 239 18.22 19.25 -0.68
CA THR A 239 17.12 18.50 -1.25
C THR A 239 16.94 17.22 -0.46
N LEU A 240 15.69 16.82 -0.28
CA LEU A 240 15.37 15.50 0.26
C LEU A 240 14.50 14.75 -0.74
N ALA A 241 14.67 13.43 -0.78
CA ALA A 241 13.85 12.57 -1.62
C ALA A 241 13.70 11.21 -0.96
N GLY A 242 12.57 10.54 -1.21
CA GLY A 242 12.41 9.18 -0.75
C GLY A 242 13.15 8.19 -1.65
N GLY A 243 13.79 7.20 -1.02
CA GLY A 243 14.45 6.13 -1.77
C GLY A 243 13.59 4.90 -1.92
N GLY A 244 12.46 4.88 -1.22
CA GLY A 244 11.54 3.75 -1.29
C GLY A 244 10.50 3.89 -2.39
N HIS A 245 9.53 2.98 -2.40
CA HIS A 245 8.45 3.03 -3.39
C HIS A 245 7.78 4.39 -3.43
N GLY A 246 7.65 4.94 -4.63
CA GLY A 246 6.95 6.21 -4.79
C GLY A 246 7.83 7.45 -4.66
N GLY A 247 9.09 7.26 -4.30
CA GLY A 247 10.00 8.37 -4.11
C GLY A 247 10.77 8.76 -5.36
N MET A 248 11.30 9.98 -5.36
CA MET A 248 12.06 10.55 -6.49
CA MET A 248 12.04 10.47 -6.52
C MET A 248 13.49 10.02 -6.58
N GLY A 249 13.99 9.47 -5.49
CA GLY A 249 15.35 8.93 -5.50
C GLY A 249 16.42 9.94 -5.83
N THR A 250 17.38 9.55 -6.66
CA THR A 250 18.51 10.43 -6.96
C THR A 250 18.16 11.59 -7.87
N PHE A 251 16.96 11.59 -8.44
CA PHE A 251 16.59 12.64 -9.40
C PHE A 251 16.57 14.00 -8.75
N GLN A 252 16.05 14.07 -7.53
CA GLN A 252 15.86 15.34 -6.84
C GLN A 252 17.18 16.12 -6.77
N LEU A 253 18.21 15.48 -6.25
CA LEU A 253 19.50 16.14 -6.14
C LEU A 253 20.11 16.39 -7.51
N GLU A 254 20.05 15.40 -8.41
CA GLU A 254 20.70 15.57 -9.70
C GLU A 254 20.13 16.75 -10.49
N GLN A 255 18.81 16.93 -10.47
CA GLN A 255 18.22 18.09 -11.13
C GLN A 255 18.62 19.39 -10.43
N MET A 256 18.60 19.38 -9.09
CA MET A 256 18.88 20.61 -8.35
C MET A 256 20.30 21.11 -8.64
N LYS A 257 21.21 20.20 -8.92
CA LYS A 257 22.59 20.61 -9.20
C LYS A 257 22.67 21.53 -10.40
N ALA A 258 21.71 21.39 -11.32
CA ALA A 258 21.66 22.26 -12.49
C ALA A 258 21.11 23.64 -12.13
N TYR A 259 20.47 23.75 -10.97
CA TYR A 259 19.80 24.98 -10.56
C TYR A 259 20.50 25.75 -9.44
N ALA A 260 21.34 25.08 -8.66
CA ALA A 260 21.92 25.67 -7.45
C ALA A 260 23.44 25.50 -7.35
N GLU A 261 24.13 26.53 -6.86
CA GLU A 261 25.57 26.47 -6.72
C GLU A 261 25.98 25.68 -5.48
N ASP A 262 25.13 25.75 -4.46
CA ASP A 262 25.44 25.21 -3.14
C ASP A 262 24.30 24.27 -2.73
N VAL A 263 24.46 22.97 -2.98
CA VAL A 263 23.37 22.04 -2.67
C VAL A 263 23.87 20.73 -2.05
N GLU A 264 23.20 20.31 -0.99
CA GLU A 264 23.45 18.96 -0.48
C GLU A 264 22.15 18.19 -0.59
N GLY A 265 22.25 16.91 -0.93
CA GLY A 265 21.05 16.12 -1.13
C GLY A 265 21.05 14.90 -0.25
N HIS A 266 19.86 14.44 0.13
CA HIS A 266 19.72 13.21 0.86
C HIS A 266 18.59 12.37 0.27
N VAL A 267 18.81 11.06 0.21
CA VAL A 267 17.77 10.13 -0.21
C VAL A 267 17.47 9.28 1.01
N LEU A 268 16.23 9.27 1.44
CA LEU A 268 15.86 8.60 2.68
C LEU A 268 15.33 7.20 2.39
N PRO A 269 16.06 6.17 2.83
CA PRO A 269 15.66 4.80 2.51
C PRO A 269 14.37 4.40 3.22
N GLY A 270 13.57 3.56 2.58
CA GLY A 270 12.31 3.10 3.14
C GLY A 270 11.24 4.17 3.25
N CYS A 271 11.40 5.26 2.51
CA CYS A 271 10.43 6.33 2.50
C CYS A 271 10.07 6.67 1.06
N GLY A 272 8.79 6.92 0.82
CA GLY A 272 8.31 7.30 -0.49
C GLY A 272 8.20 8.80 -0.68
N HIS A 273 7.06 9.23 -1.21
CA HIS A 273 6.85 10.63 -1.56
C HIS A 273 6.52 11.52 -0.36
N TRP A 274 5.85 10.94 0.63
CA TRP A 274 5.25 11.73 1.71
C TRP A 274 6.17 11.82 2.92
N LEU A 275 7.33 12.42 2.73
CA LEU A 275 8.39 12.40 3.75
C LEU A 275 7.96 12.86 5.16
N PRO A 276 7.23 13.98 5.28
CA PRO A 276 6.92 14.43 6.65
C PRO A 276 6.11 13.41 7.46
N GLU A 277 5.33 12.56 6.78
CA GLU A 277 4.50 11.59 7.47
C GLU A 277 5.12 10.18 7.49
N GLU A 278 5.72 9.75 6.38
CA GLU A 278 6.34 8.42 6.30
C GLU A 278 7.62 8.29 7.12
N CYS A 279 8.37 9.39 7.21
CA CYS A 279 9.68 9.33 7.85
C CYS A 279 9.92 10.64 8.62
N ALA A 280 8.98 10.94 9.51
CA ALA A 280 9.00 12.18 10.31
C ALA A 280 10.30 12.38 11.07
N ALA A 281 10.79 11.35 11.75
CA ALA A 281 11.98 11.52 12.57
C ALA A 281 13.23 11.93 11.75
N PRO A 282 13.58 11.16 10.71
CA PRO A 282 14.80 11.61 10.02
C PRO A 282 14.58 12.87 9.19
N MET A 283 13.38 13.04 8.64
CA MET A 283 13.13 14.22 7.81
C MET A 283 13.16 15.49 8.66
N ASN A 284 12.47 15.44 9.79
CA ASN A 284 12.45 16.60 10.68
C ASN A 284 13.85 16.98 11.15
N ARG A 285 14.63 15.97 11.51
CA ARG A 285 16.02 16.17 11.93
C ARG A 285 16.84 16.85 10.85
N LEU A 286 16.75 16.33 9.62
CA LEU A 286 17.52 16.91 8.52
C LEU A 286 17.17 18.37 8.32
N VAL A 287 15.87 18.68 8.34
CA VAL A 287 15.41 20.06 8.13
C VAL A 287 15.82 21.02 9.25
N ILE A 288 15.59 20.61 10.50
CA ILE A 288 15.96 21.44 11.64
C ILE A 288 17.46 21.73 11.67
N ASP A 289 18.27 20.68 11.51
CA ASP A 289 19.72 20.82 11.50
C ASP A 289 20.21 21.75 10.38
N PHE A 290 19.62 21.60 9.20
CA PHE A 290 20.05 22.38 8.05
C PHE A 290 19.72 23.85 8.23
N LEU A 291 18.50 24.13 8.70
CA LEU A 291 18.07 25.51 8.95
C LEU A 291 18.79 26.14 10.13
N SER A 292 19.21 25.31 11.08
CA SER A 292 19.86 25.81 12.30
C SER A 292 21.33 26.13 12.09
N ARG A 293 21.86 25.83 10.92
CA ARG A 293 23.20 26.29 10.53
C ARG A 293 23.23 27.81 10.37
N GLY A 294 22.07 28.41 10.08
CA GLY A 294 21.95 29.85 10.02
C GLY A 294 21.48 30.44 11.34
N ARG A 295 21.26 31.75 11.38
CA ARG A 295 20.80 32.42 12.60
C ARG A 295 19.43 31.91 13.03
N HIS A 296 19.22 31.79 14.34
CA HIS A 296 17.93 31.36 14.87
C HIS A 296 17.76 31.78 16.33
N ALA B 1 -30.65 -9.91 -27.60
CA ALA B 1 -30.55 -8.64 -28.30
C ALA B 1 -29.12 -8.33 -28.69
N GLU B 2 -28.91 -8.03 -29.97
CA GLU B 2 -27.61 -7.64 -30.46
C GLU B 2 -27.23 -6.25 -29.97
N GLU B 3 -25.99 -6.09 -29.56
CA GLU B 3 -25.49 -4.79 -29.11
C GLU B 3 -25.26 -3.85 -30.30
N PHE B 4 -25.00 -4.42 -31.47
CA PHE B 4 -24.71 -3.65 -32.67
C PHE B 4 -25.39 -4.31 -33.87
N PRO B 5 -25.82 -3.49 -34.85
CA PRO B 5 -26.51 -4.02 -36.04
C PRO B 5 -25.62 -4.91 -36.89
N VAL B 6 -26.10 -6.10 -37.23
CA VAL B 6 -25.37 -7.03 -38.11
C VAL B 6 -25.57 -6.66 -39.58
N PRO B 7 -24.48 -6.60 -40.35
CA PRO B 7 -24.60 -6.32 -41.78
C PRO B 7 -25.39 -7.41 -42.51
N ASN B 8 -26.05 -7.04 -43.61
CA ASN B 8 -26.75 -8.02 -44.42
C ASN B 8 -25.82 -9.10 -44.94
N GLY B 9 -26.27 -10.34 -44.89
CA GLY B 9 -25.47 -11.46 -45.35
C GLY B 9 -24.53 -12.00 -44.28
N PHE B 10 -24.60 -11.42 -43.07
CA PHE B 10 -23.80 -11.91 -41.97
C PHE B 10 -24.67 -12.51 -40.88
N GLU B 11 -24.07 -13.38 -40.08
CA GLU B 11 -24.77 -13.93 -38.94
C GLU B 11 -24.01 -13.64 -37.66
N SER B 12 -24.75 -13.27 -36.63
CA SER B 12 -24.21 -13.16 -35.29
C SER B 12 -24.36 -14.54 -34.63
N ALA B 13 -23.26 -15.09 -34.12
CA ALA B 13 -23.29 -16.44 -33.55
C ALA B 13 -22.33 -16.59 -32.38
N TYR B 14 -22.31 -17.79 -31.81
CA TYR B 14 -21.47 -18.08 -30.65
C TYR B 14 -20.83 -19.45 -30.78
N ARG B 15 -19.60 -19.57 -30.29
CA ARG B 15 -18.94 -20.86 -30.16
C ARG B 15 -18.28 -20.98 -28.81
N GLU B 16 -18.40 -22.15 -28.19
CA GLU B 16 -17.64 -22.43 -26.99
C GLU B 16 -16.22 -22.78 -27.38
N VAL B 17 -15.26 -22.15 -26.71
CA VAL B 17 -13.85 -22.45 -26.89
C VAL B 17 -13.22 -22.55 -25.52
N ASP B 18 -12.74 -23.74 -25.17
CA ASP B 18 -12.15 -23.95 -23.84
C ASP B 18 -13.04 -23.46 -22.71
N GLY B 19 -14.35 -23.71 -22.82
CA GLY B 19 -15.26 -23.40 -21.73
C GLY B 19 -15.71 -21.95 -21.68
N VAL B 20 -15.27 -21.17 -22.67
CA VAL B 20 -15.65 -19.77 -22.77
C VAL B 20 -16.53 -19.55 -24.02
N LYS B 21 -17.73 -18.99 -23.81
CA LYS B 21 -18.63 -18.74 -24.94
C LYS B 21 -18.28 -17.43 -25.65
N LEU B 22 -17.73 -17.55 -26.85
CA LEU B 22 -17.28 -16.39 -27.63
C LEU B 22 -18.33 -15.94 -28.64
N HIS B 23 -18.52 -14.63 -28.77
CA HIS B 23 -19.43 -14.11 -29.78
C HIS B 23 -18.64 -13.71 -31.01
N TYR B 24 -19.23 -13.90 -32.18
CA TYR B 24 -18.63 -13.42 -33.42
C TYR B 24 -19.69 -13.08 -34.45
N VAL B 25 -19.29 -12.34 -35.47
CA VAL B 25 -20.15 -12.06 -36.60
C VAL B 25 -19.42 -12.58 -37.83
N LYS B 26 -20.14 -13.35 -38.65
CA LYS B 26 -19.49 -14.11 -39.70
C LYS B 26 -20.27 -14.04 -41.02
N GLY B 27 -19.54 -13.89 -42.12
CA GLY B 27 -20.14 -13.97 -43.44
C GLY B 27 -19.10 -14.19 -44.50
N GLY B 28 -19.55 -14.41 -45.73
CA GLY B 28 -18.67 -14.52 -46.87
C GLY B 28 -18.39 -15.98 -47.25
N GLN B 29 -17.58 -16.15 -48.28
CA GLN B 29 -17.16 -17.47 -48.73
C GLN B 29 -15.70 -17.36 -49.12
N GLY B 30 -14.96 -18.45 -48.98
CA GLY B 30 -13.56 -18.47 -49.37
C GLY B 30 -12.66 -18.71 -48.17
N PRO B 31 -11.34 -18.51 -48.34
CA PRO B 31 -10.41 -18.72 -47.23
C PRO B 31 -10.75 -17.74 -46.11
N LEU B 32 -10.45 -18.13 -44.88
CA LEU B 32 -10.83 -17.37 -43.69
C LEU B 32 -9.96 -16.15 -43.43
N VAL B 33 -10.62 -15.05 -43.09
CA VAL B 33 -9.94 -13.89 -42.50
C VAL B 33 -10.59 -13.59 -41.15
N MET B 34 -9.78 -13.53 -40.09
CA MET B 34 -10.29 -13.10 -38.79
C MET B 34 -9.88 -11.67 -38.48
N LEU B 35 -10.85 -10.86 -38.08
CA LEU B 35 -10.62 -9.44 -37.79
C LEU B 35 -10.82 -9.25 -36.29
N VAL B 36 -9.79 -8.76 -35.60
CA VAL B 36 -9.85 -8.65 -34.14
C VAL B 36 -9.78 -7.20 -33.66
N HIS B 37 -10.85 -6.76 -33.01
CA HIS B 37 -10.98 -5.39 -32.51
C HIS B 37 -10.14 -5.12 -31.28
N GLY B 38 -10.22 -3.88 -30.78
CA GLY B 38 -9.48 -3.49 -29.60
C GLY B 38 -10.31 -2.82 -28.53
N PHE B 39 -9.63 -2.04 -27.68
CA PHE B 39 -10.23 -1.43 -26.49
C PHE B 39 -11.30 -0.39 -26.85
N GLY B 40 -12.37 -0.33 -26.05
CA GLY B 40 -13.43 0.63 -26.25
C GLY B 40 -14.41 0.23 -27.34
N GLN B 41 -14.09 -0.86 -28.02
CA GLN B 41 -14.84 -1.26 -29.20
C GLN B 41 -15.16 -2.75 -29.18
N THR B 42 -15.75 -3.22 -30.26
CA THR B 42 -16.21 -4.60 -30.39
C THR B 42 -16.01 -4.98 -31.84
N TRP B 43 -16.53 -6.14 -32.23
CA TRP B 43 -16.49 -6.58 -33.62
C TRP B 43 -16.99 -5.49 -34.58
N TYR B 44 -17.87 -4.62 -34.07
CA TYR B 44 -18.58 -3.66 -34.91
C TYR B 44 -17.65 -2.65 -35.60
N GLU B 45 -16.46 -2.42 -35.04
CA GLU B 45 -15.56 -1.45 -35.69
C GLU B 45 -15.19 -1.92 -37.09
N TRP B 46 -15.34 -3.23 -37.34
CA TRP B 46 -15.04 -3.80 -38.65
C TRP B 46 -16.24 -3.83 -39.62
N HIS B 47 -17.38 -3.28 -39.21
CA HIS B 47 -18.61 -3.48 -39.97
C HIS B 47 -18.59 -2.91 -41.38
N GLN B 48 -17.75 -1.91 -41.64
CA GLN B 48 -17.63 -1.36 -42.99
C GLN B 48 -16.70 -2.19 -43.88
N LEU B 49 -15.68 -2.81 -43.28
CA LEU B 49 -14.73 -3.63 -44.04
C LEU B 49 -15.31 -5.00 -44.37
N MET B 50 -16.11 -5.53 -43.46
CA MET B 50 -16.63 -6.90 -43.60
C MET B 50 -17.35 -7.22 -44.92
N PRO B 51 -18.32 -6.38 -45.34
CA PRO B 51 -19.04 -6.72 -46.57
C PRO B 51 -18.13 -6.73 -47.81
N GLU B 52 -17.19 -5.80 -47.88
CA GLU B 52 -16.28 -5.77 -49.02
C GLU B 52 -15.36 -6.99 -49.01
N LEU B 53 -14.85 -7.31 -47.82
CA LEU B 53 -13.92 -8.43 -47.70
C LEU B 53 -14.66 -9.75 -47.97
N ALA B 54 -15.94 -9.79 -47.64
CA ALA B 54 -16.73 -11.01 -47.76
C ALA B 54 -16.96 -11.41 -49.22
N LYS B 55 -16.62 -10.50 -50.13
CA LYS B 55 -16.71 -10.80 -51.56
C LYS B 55 -15.65 -11.81 -51.98
N ARG B 56 -14.56 -11.90 -51.22
CA ARG B 56 -13.44 -12.74 -51.61
C ARG B 56 -13.04 -13.72 -50.51
N PHE B 57 -13.53 -13.50 -49.29
CA PHE B 57 -13.14 -14.33 -48.16
C PHE B 57 -14.32 -14.66 -47.25
N THR B 58 -14.17 -15.73 -46.47
CA THR B 58 -15.03 -15.94 -45.32
C THR B 58 -14.46 -15.06 -44.23
N VAL B 59 -15.32 -14.21 -43.65
CA VAL B 59 -14.88 -13.19 -42.70
C VAL B 59 -15.47 -13.44 -41.34
N ILE B 60 -14.62 -13.53 -40.32
CA ILE B 60 -15.12 -13.66 -38.96
C ILE B 60 -14.55 -12.55 -38.08
N ALA B 61 -15.42 -11.91 -37.29
CA ALA B 61 -15.01 -10.85 -36.38
C ALA B 61 -15.53 -11.17 -34.99
N PRO B 62 -14.66 -11.70 -34.13
CA PRO B 62 -15.08 -12.08 -32.77
C PRO B 62 -15.04 -10.89 -31.81
N ASP B 63 -15.79 -10.99 -30.73
CA ASP B 63 -15.61 -10.09 -29.59
C ASP B 63 -14.56 -10.70 -28.69
N LEU B 64 -13.58 -9.87 -28.29
CA LEU B 64 -12.53 -10.31 -27.38
C LEU B 64 -13.20 -10.78 -26.09
N PRO B 65 -12.62 -11.79 -25.42
CA PRO B 65 -13.17 -12.31 -24.16
C PRO B 65 -13.47 -11.18 -23.16
N GLY B 66 -14.69 -11.21 -22.63
CA GLY B 66 -15.13 -10.24 -21.63
C GLY B 66 -15.71 -8.98 -22.24
N LEU B 67 -15.46 -8.78 -23.52
CA LEU B 67 -15.92 -7.58 -24.20
C LEU B 67 -17.01 -7.95 -25.20
N GLY B 68 -17.76 -6.94 -25.64
CA GLY B 68 -18.90 -7.17 -26.52
C GLY B 68 -19.83 -8.19 -25.87
N GLN B 69 -20.16 -9.22 -26.62
CA GLN B 69 -21.02 -10.30 -26.11
C GLN B 69 -20.24 -11.58 -25.81
N SER B 70 -18.92 -11.48 -25.66
CA SER B 70 -18.12 -12.66 -25.33
C SER B 70 -17.93 -12.81 -23.82
N GLU B 71 -18.01 -14.04 -23.33
CA GLU B 71 -17.72 -14.31 -21.92
C GLU B 71 -16.27 -14.02 -21.61
N PRO B 72 -15.98 -13.68 -20.35
CA PRO B 72 -14.61 -13.47 -19.89
C PRO B 72 -13.75 -14.71 -20.07
N PRO B 73 -12.43 -14.52 -20.19
CA PRO B 73 -11.56 -15.70 -20.28
C PRO B 73 -11.57 -16.44 -18.94
N LYS B 74 -11.45 -17.76 -18.99
CA LYS B 74 -11.40 -18.54 -17.76
C LYS B 74 -9.97 -18.72 -17.28
N THR B 75 -9.01 -18.48 -18.16
CA THR B 75 -7.61 -18.62 -17.79
C THR B 75 -7.05 -17.27 -17.29
N GLY B 76 -7.07 -16.25 -18.14
CA GLY B 76 -6.56 -14.95 -17.78
C GLY B 76 -6.53 -13.98 -18.95
N TYR B 77 -6.06 -12.75 -18.70
CA TYR B 77 -6.12 -11.70 -19.71
C TYR B 77 -4.77 -11.39 -20.36
N SER B 78 -3.73 -12.15 -20.04
CA SER B 78 -2.44 -11.93 -20.69
C SER B 78 -2.54 -12.32 -22.17
N GLY B 79 -1.66 -11.77 -23.00
CA GLY B 79 -1.71 -12.01 -24.42
C GLY B 79 -1.64 -13.48 -24.79
N GLU B 80 -0.79 -14.23 -24.10
CA GLU B 80 -0.64 -15.64 -24.43
C GLU B 80 -1.89 -16.43 -24.09
N GLN B 81 -2.52 -16.09 -22.97
CA GLN B 81 -3.75 -16.77 -22.59
C GLN B 81 -4.92 -16.41 -23.52
N VAL B 82 -5.04 -15.14 -23.87
CA VAL B 82 -6.19 -14.73 -24.65
C VAL B 82 -6.08 -15.25 -26.07
N ALA B 83 -4.86 -15.30 -26.58
CA ALA B 83 -4.62 -15.71 -27.96
C ALA B 83 -5.05 -17.14 -28.22
N VAL B 84 -4.99 -17.98 -27.19
CA VAL B 84 -5.41 -19.37 -27.33
C VAL B 84 -6.85 -19.44 -27.80
N TYR B 85 -7.71 -18.65 -27.16
CA TYR B 85 -9.11 -18.62 -27.51
C TYR B 85 -9.31 -18.17 -28.94
N LEU B 86 -8.60 -17.12 -29.35
CA LEU B 86 -8.75 -16.61 -30.72
C LEU B 86 -8.21 -17.61 -31.75
N HIS B 87 -7.08 -18.24 -31.45
CA HIS B 87 -6.51 -19.26 -32.35
C HIS B 87 -7.45 -20.45 -32.54
N LYS B 88 -7.95 -20.99 -31.42
CA LYS B 88 -8.83 -22.16 -31.49
C LYS B 88 -10.16 -21.83 -32.17
N LEU B 89 -10.64 -20.60 -31.98
CA LEU B 89 -11.85 -20.16 -32.66
C LEU B 89 -11.64 -20.17 -34.17
N ALA B 90 -10.53 -19.60 -34.61
CA ALA B 90 -10.25 -19.52 -36.04
C ALA B 90 -10.11 -20.91 -36.64
N ARG B 91 -9.44 -21.79 -35.89
CA ARG B 91 -9.23 -23.15 -36.37
C ARG B 91 -10.52 -23.96 -36.49
N GLN B 92 -11.53 -23.63 -35.69
CA GLN B 92 -12.83 -24.29 -35.83
C GLN B 92 -13.39 -24.03 -37.23
N PHE B 93 -13.10 -22.86 -37.78
CA PHE B 93 -13.63 -22.50 -39.09
C PHE B 93 -12.63 -22.70 -40.24
N SER B 94 -11.35 -22.82 -39.91
CA SER B 94 -10.35 -23.06 -40.94
C SER B 94 -9.36 -24.15 -40.49
N PRO B 95 -9.86 -25.38 -40.27
CA PRO B 95 -9.02 -26.46 -39.74
C PRO B 95 -7.97 -26.97 -40.72
N ASP B 96 -8.22 -26.77 -42.02
CA ASP B 96 -7.43 -27.43 -43.05
C ASP B 96 -6.49 -26.52 -43.82
N ARG B 97 -6.59 -25.22 -43.62
CA ARG B 97 -5.69 -24.31 -44.32
C ARG B 97 -5.39 -23.11 -43.44
N PRO B 98 -4.27 -22.41 -43.70
CA PRO B 98 -3.99 -21.22 -42.89
C PRO B 98 -5.02 -20.12 -43.14
N PHE B 99 -5.15 -19.21 -42.18
CA PHE B 99 -6.10 -18.12 -42.30
C PHE B 99 -5.37 -16.80 -42.19
N ASP B 100 -6.04 -15.72 -42.57
CA ASP B 100 -5.46 -14.39 -42.47
C ASP B 100 -5.90 -13.74 -41.18
N LEU B 101 -5.06 -12.86 -40.67
CA LEU B 101 -5.40 -12.19 -39.43
C LEU B 101 -5.20 -10.69 -39.60
N VAL B 102 -6.23 -9.93 -39.24
CA VAL B 102 -6.16 -8.49 -39.20
C VAL B 102 -6.50 -8.07 -37.77
N ALA B 103 -5.65 -7.26 -37.15
CA ALA B 103 -5.89 -6.84 -35.77
C ALA B 103 -5.58 -5.37 -35.58
N HIS B 104 -6.40 -4.71 -34.76
CA HIS B 104 -6.28 -3.29 -34.43
C HIS B 104 -6.17 -3.15 -32.91
N ASP B 105 -5.35 -2.20 -32.45
CA ASP B 105 -5.35 -1.83 -31.03
C ASP B 105 -5.00 -3.06 -30.18
N ILE B 106 -5.71 -3.31 -29.07
CA ILE B 106 -5.28 -4.44 -28.24
C ILE B 106 -5.57 -5.81 -28.90
N GLY B 107 -6.25 -5.82 -30.03
CA GLY B 107 -6.33 -7.04 -30.84
C GLY B 107 -4.94 -7.58 -31.17
N ILE B 108 -3.98 -6.67 -31.32
CA ILE B 108 -2.60 -7.04 -31.53
C ILE B 108 -2.03 -7.79 -30.32
N TRP B 109 -2.25 -7.25 -29.13
CA TRP B 109 -1.75 -7.88 -27.91
C TRP B 109 -2.29 -9.29 -27.75
N ASN B 110 -3.53 -9.46 -28.15
CA ASN B 110 -4.25 -10.70 -27.93
C ASN B 110 -4.13 -11.68 -29.08
N THR B 111 -3.35 -11.33 -30.09
CA THR B 111 -3.14 -12.27 -31.20
C THR B 111 -1.67 -12.62 -31.44
N TYR B 112 -0.77 -11.69 -31.13
CA TYR B 112 0.66 -11.92 -31.40
C TYR B 112 1.20 -13.29 -30.96
N PRO B 113 0.94 -13.72 -29.70
CA PRO B 113 1.51 -15.00 -29.29
C PRO B 113 1.01 -16.18 -30.11
N MET B 114 -0.27 -16.20 -30.49
CA MET B 114 -0.74 -17.32 -31.28
C MET B 114 -0.19 -17.25 -32.71
N VAL B 115 0.08 -16.04 -33.20
CA VAL B 115 0.69 -15.91 -34.52
C VAL B 115 2.12 -16.45 -34.53
N VAL B 116 2.93 -16.02 -33.57
CA VAL B 116 4.32 -16.46 -33.53
C VAL B 116 4.45 -17.96 -33.21
N LYS B 117 3.48 -18.51 -32.47
CA LYS B 117 3.56 -19.91 -32.06
C LYS B 117 2.94 -20.89 -33.06
N ASN B 118 2.13 -20.39 -33.98
CA ASN B 118 1.45 -21.21 -34.98
C ASN B 118 1.61 -20.57 -36.36
N GLN B 119 2.84 -20.31 -36.76
CA GLN B 119 3.08 -19.57 -38.00
C GLN B 119 2.52 -20.28 -39.22
N ALA B 120 2.51 -21.60 -39.18
CA ALA B 120 1.95 -22.37 -40.28
C ALA B 120 0.45 -22.11 -40.48
N ASP B 121 -0.21 -21.60 -39.43
CA ASP B 121 -1.66 -21.40 -39.52
C ASP B 121 -2.01 -19.99 -40.02
N ILE B 122 -1.01 -19.15 -40.21
CA ILE B 122 -1.28 -17.76 -40.54
C ILE B 122 -0.75 -17.45 -41.93
N ALA B 123 -1.64 -17.23 -42.90
CA ALA B 123 -1.18 -17.00 -44.25
C ALA B 123 -0.59 -15.59 -44.39
N ARG B 124 -1.37 -14.60 -43.99
CA ARG B 124 -0.96 -13.21 -44.07
C ARG B 124 -1.44 -12.45 -42.84
N LEU B 125 -0.71 -11.41 -42.48
CA LEU B 125 -0.96 -10.73 -41.22
C LEU B 125 -1.04 -9.22 -41.43
N VAL B 126 -2.09 -8.61 -40.88
CA VAL B 126 -2.18 -7.15 -40.90
C VAL B 126 -2.36 -6.62 -39.49
N TYR B 127 -1.44 -5.76 -39.07
CA TYR B 127 -1.50 -5.16 -37.75
C TYR B 127 -1.60 -3.64 -37.87
N MET B 128 -2.48 -3.02 -37.09
CA MET B 128 -2.62 -1.58 -37.17
C MET B 128 -2.80 -0.92 -35.80
N GLU B 129 -2.08 0.18 -35.58
CA GLU B 129 -2.32 1.05 -34.42
C GLU B 129 -2.33 0.39 -33.05
N ALA B 130 -1.20 -0.23 -32.73
CA ALA B 130 -0.88 -0.64 -31.36
C ALA B 130 0.50 -1.27 -31.36
N PRO B 131 1.29 -0.98 -30.31
CA PRO B 131 2.57 -1.66 -30.19
C PRO B 131 2.32 -3.10 -29.82
N ILE B 132 3.12 -4.01 -30.35
CA ILE B 132 3.22 -5.32 -29.75
C ILE B 132 3.80 -5.07 -28.35
N PRO B 133 3.24 -5.71 -27.31
CA PRO B 133 3.77 -5.42 -25.97
C PRO B 133 5.22 -5.88 -25.80
N ASP B 134 6.12 -4.91 -25.63
CA ASP B 134 7.54 -5.18 -25.38
C ASP B 134 8.10 -3.95 -24.67
N ALA B 135 9.41 -3.94 -24.41
CA ALA B 135 10.02 -2.87 -23.60
C ALA B 135 9.89 -1.48 -24.22
N ARG B 136 9.57 -1.40 -25.51
CA ARG B 136 9.37 -0.09 -26.13
C ARG B 136 8.30 0.76 -25.45
N ILE B 137 7.29 0.10 -24.89
CA ILE B 137 6.15 0.81 -24.30
C ILE B 137 6.56 1.54 -23.03
N TYR B 138 7.68 1.15 -22.43
CA TYR B 138 8.17 1.80 -21.21
C TYR B 138 8.90 3.11 -21.52
N ARG B 139 9.02 3.44 -22.80
CA ARG B 139 9.67 4.68 -23.21
C ARG B 139 8.69 5.82 -23.52
N PHE B 140 7.42 5.50 -23.70
CA PHE B 140 6.42 6.51 -24.03
C PHE B 140 6.30 7.49 -22.87
N PRO B 141 6.38 8.79 -23.14
CA PRO B 141 6.34 9.75 -22.03
C PRO B 141 4.98 9.91 -21.36
N ALA B 142 5.00 10.18 -20.06
CA ALA B 142 3.79 10.38 -19.28
C ALA B 142 3.08 11.69 -19.64
N PHE B 143 3.87 12.69 -20.05
CA PHE B 143 3.36 14.05 -20.20
C PHE B 143 4.15 14.72 -21.32
N THR B 144 3.50 15.62 -22.06
CA THR B 144 4.14 16.27 -23.20
C THR B 144 4.08 17.79 -23.08
N ALA B 145 4.90 18.45 -23.87
CA ALA B 145 4.92 19.92 -23.91
C ALA B 145 3.60 20.48 -24.45
N GLN B 146 2.77 19.61 -25.04
CA GLN B 146 1.48 20.03 -25.54
C GLN B 146 0.36 19.67 -24.57
N GLY B 147 0.72 18.97 -23.50
CA GLY B 147 -0.25 18.60 -22.49
C GLY B 147 -0.46 17.10 -22.36
N GLU B 148 -1.71 16.71 -22.18
CA GLU B 148 -2.11 15.31 -22.01
C GLU B 148 -1.48 14.40 -23.07
N SER B 149 -0.73 13.40 -22.64
CA SER B 149 -0.10 12.47 -23.57
C SER B 149 -1.12 11.47 -24.10
N LEU B 150 -0.69 10.62 -25.04
CA LEU B 150 -1.62 9.69 -25.64
C LEU B 150 -1.58 8.34 -24.92
N VAL B 151 -0.72 8.23 -23.92
CA VAL B 151 -0.41 6.93 -23.33
C VAL B 151 -0.52 6.86 -21.80
N TRP B 152 -0.96 7.94 -21.15
CA TRP B 152 -1.02 7.97 -19.69
C TRP B 152 -2.02 6.95 -19.12
N HIS B 153 -2.99 6.58 -19.94
CA HIS B 153 -4.02 5.62 -19.55
C HIS B 153 -3.48 4.22 -19.31
N PHE B 154 -2.29 3.92 -19.84
CA PHE B 154 -1.68 2.61 -19.59
C PHE B 154 -1.57 2.39 -18.09
N SER B 155 -1.11 3.42 -17.37
CA SER B 155 -0.99 3.33 -15.92
C SER B 155 -2.33 3.42 -15.19
N PHE B 156 -3.18 4.35 -15.62
CA PHE B 156 -4.54 4.49 -15.06
C PHE B 156 -5.28 3.14 -15.10
N PHE B 157 -5.25 2.47 -16.25
CA PHE B 157 -5.98 1.21 -16.40
C PHE B 157 -5.29 0.05 -15.67
N ALA B 158 -3.97 0.09 -15.55
CA ALA B 158 -3.21 -1.00 -14.92
C ALA B 158 -3.24 -0.94 -13.41
N ALA B 159 -3.57 0.23 -12.88
CA ALA B 159 -3.57 0.49 -11.45
C ALA B 159 -4.49 -0.51 -10.71
N ASP B 160 -4.11 -0.85 -9.47
CA ASP B 160 -4.93 -1.73 -8.65
C ASP B 160 -6.07 -0.93 -8.00
N ASP B 161 -6.66 -1.49 -6.94
CA ASP B 161 -7.81 -0.87 -6.26
C ASP B 161 -9.03 -0.67 -7.16
N ARG B 162 -9.06 -1.36 -8.30
CA ARG B 162 -10.08 -1.12 -9.32
C ARG B 162 -10.22 0.38 -9.57
N LEU B 163 -9.09 1.07 -9.63
CA LEU B 163 -9.06 2.52 -9.80
C LEU B 163 -9.91 2.98 -10.98
N ALA B 164 -9.68 2.35 -12.13
CA ALA B 164 -10.37 2.78 -13.34
C ALA B 164 -11.87 2.50 -13.31
N GLU B 165 -12.27 1.28 -12.90
CA GLU B 165 -13.69 0.93 -12.83
C GLU B 165 -14.41 1.87 -11.86
N THR B 166 -13.73 2.17 -10.77
CA THR B 166 -14.38 2.93 -9.71
C THR B 166 -14.61 4.37 -10.16
N LEU B 167 -13.62 4.94 -10.85
CA LEU B 167 -13.75 6.31 -11.33
C LEU B 167 -14.66 6.42 -12.55
N ILE B 168 -14.63 5.43 -13.42
CA ILE B 168 -15.36 5.51 -14.70
C ILE B 168 -16.84 5.07 -14.58
N ALA B 169 -17.14 4.20 -13.62
CA ALA B 169 -18.52 3.75 -13.44
C ALA B 169 -19.48 4.94 -13.29
N GLY B 170 -20.59 4.91 -14.02
CA GLY B 170 -21.53 6.01 -14.02
C GLY B 170 -21.16 7.11 -15.00
N LYS B 171 -19.94 7.07 -15.51
CA LYS B 171 -19.44 8.10 -16.41
C LYS B 171 -18.78 7.43 -17.63
N GLU B 172 -19.29 6.26 -17.99
CA GLU B 172 -18.66 5.46 -19.04
C GLU B 172 -18.72 6.17 -20.39
N ARG B 173 -19.87 6.73 -20.71
CA ARG B 173 -20.08 7.40 -21.99
C ARG B 173 -19.18 8.63 -22.08
N PHE B 174 -19.13 9.41 -21.01
CA PHE B 174 -18.27 10.58 -20.95
C PHE B 174 -16.80 10.20 -21.11
N PHE B 175 -16.35 9.17 -20.40
CA PHE B 175 -14.93 8.84 -20.48
C PHE B 175 -14.56 8.32 -21.87
N LEU B 176 -15.39 7.45 -22.42
CA LEU B 176 -15.11 6.85 -23.73
C LEU B 176 -15.02 7.90 -24.83
N GLU B 177 -15.93 8.87 -24.78
CA GLU B 177 -15.88 9.96 -25.75
C GLU B 177 -14.55 10.68 -25.65
N HIS B 178 -14.09 10.98 -24.43
CA HIS B 178 -12.83 11.68 -24.28
C HIS B 178 -11.69 10.84 -24.82
N PHE B 179 -11.67 9.56 -24.45
CA PHE B 179 -10.59 8.66 -24.85
C PHE B 179 -10.54 8.48 -26.37
N ILE B 180 -11.69 8.24 -26.97
CA ILE B 180 -11.74 8.04 -28.42
C ILE B 180 -11.35 9.32 -29.14
N LYS B 181 -11.97 10.44 -28.79
CA LYS B 181 -11.71 11.67 -29.53
C LYS B 181 -10.30 12.22 -29.34
N SER B 182 -9.73 12.07 -28.15
CA SER B 182 -8.36 12.51 -27.90
C SER B 182 -7.33 11.69 -28.67
N HIS B 183 -7.73 10.52 -29.14
CA HIS B 183 -6.84 9.71 -29.98
C HIS B 183 -7.25 9.76 -31.44
N ALA B 184 -8.14 10.67 -31.79
CA ALA B 184 -8.63 10.79 -33.18
C ALA B 184 -8.15 12.03 -33.93
N SER B 185 -8.05 11.93 -35.26
CA SER B 185 -7.92 13.11 -36.11
C SER B 185 -9.31 13.50 -36.59
N ASN B 186 -10.06 12.50 -37.04
CA ASN B 186 -11.37 12.72 -37.62
C ASN B 186 -12.42 12.37 -36.57
N THR B 187 -12.77 13.35 -35.75
CA THR B 187 -13.69 13.07 -34.64
C THR B 187 -15.14 13.00 -35.11
N GLU B 188 -15.43 13.59 -36.26
CA GLU B 188 -16.79 13.64 -36.80
C GLU B 188 -17.40 12.26 -37.07
N VAL B 189 -16.56 11.25 -37.30
CA VAL B 189 -17.08 9.93 -37.61
C VAL B 189 -17.73 9.29 -36.40
N PHE B 190 -17.42 9.84 -35.22
CA PHE B 190 -17.96 9.30 -33.97
C PHE B 190 -19.21 10.06 -33.55
N SER B 191 -20.32 9.67 -34.15
CA SER B 191 -21.63 10.25 -33.90
C SER B 191 -22.08 9.94 -32.47
N GLU B 192 -23.07 10.68 -31.99
CA GLU B 192 -23.67 10.39 -30.68
C GLU B 192 -24.15 8.94 -30.62
N ARG B 193 -24.77 8.49 -31.71
CA ARG B 193 -25.32 7.15 -31.76
C ARG B 193 -24.22 6.09 -31.68
N LEU B 194 -23.14 6.30 -32.42
CA LEU B 194 -22.02 5.37 -32.40
C LEU B 194 -21.38 5.29 -31.01
N LEU B 195 -21.10 6.44 -30.40
CA LEU B 195 -20.56 6.47 -29.05
C LEU B 195 -21.50 5.86 -28.03
N ASP B 196 -22.80 6.07 -28.22
CA ASP B 196 -23.82 5.49 -27.33
C ASP B 196 -23.70 3.96 -27.36
N LEU B 197 -23.63 3.40 -28.56
CA LEU B 197 -23.55 1.95 -28.73
C LEU B 197 -22.29 1.37 -28.08
N TYR B 198 -21.15 1.99 -28.35
CA TYR B 198 -19.89 1.51 -27.75
C TYR B 198 -19.91 1.66 -26.22
N ALA B 199 -20.38 2.80 -25.73
CA ALA B 199 -20.42 3.04 -24.29
C ALA B 199 -21.29 2.01 -23.59
N ARG B 200 -22.48 1.77 -24.13
CA ARG B 200 -23.38 0.79 -23.53
C ARG B 200 -22.73 -0.59 -23.43
N SER B 201 -21.97 -0.97 -24.44
CA SER B 201 -21.34 -2.29 -24.44
C SER B 201 -20.26 -2.38 -23.36
N TYR B 202 -19.35 -1.43 -23.33
CA TYR B 202 -18.21 -1.56 -22.42
C TYR B 202 -18.60 -1.18 -20.99
N ALA B 203 -19.78 -0.57 -20.83
CA ALA B 203 -20.29 -0.24 -19.49
C ALA B 203 -20.86 -1.43 -18.73
N LYS B 204 -21.14 -2.55 -19.41
CA LYS B 204 -21.54 -3.76 -18.71
C LYS B 204 -20.45 -4.02 -17.67
N PRO B 205 -20.83 -4.25 -16.40
CA PRO B 205 -19.79 -4.29 -15.36
C PRO B 205 -18.68 -5.31 -15.64
N HIS B 206 -18.99 -6.50 -16.13
CA HIS B 206 -17.93 -7.45 -16.44
C HIS B 206 -17.07 -7.00 -17.62
N SER B 207 -17.66 -6.21 -18.52
CA SER B 207 -16.92 -5.68 -19.66
C SER B 207 -16.02 -4.51 -19.28
N LEU B 208 -16.50 -3.66 -18.37
CA LEU B 208 -15.70 -2.52 -17.93
C LEU B 208 -14.46 -3.08 -17.22
N ASN B 209 -14.69 -4.07 -16.38
CA ASN B 209 -13.57 -4.72 -15.72
C ASN B 209 -12.66 -5.44 -16.71
N ALA B 210 -13.24 -6.21 -17.62
CA ALA B 210 -12.45 -6.91 -18.63
C ALA B 210 -11.52 -5.92 -19.34
N SER B 211 -12.07 -4.77 -19.72
CA SER B 211 -11.31 -3.74 -20.43
C SER B 211 -9.98 -3.43 -19.73
N PHE B 212 -10.02 -3.30 -18.42
CA PHE B 212 -8.83 -2.90 -17.69
C PHE B 212 -7.97 -4.10 -17.29
N GLU B 213 -8.58 -5.27 -17.18
CA GLU B 213 -7.78 -6.47 -16.91
C GLU B 213 -6.76 -6.74 -18.03
N TYR B 214 -7.09 -6.36 -19.27
CA TYR B 214 -6.08 -6.41 -20.33
C TYR B 214 -4.82 -5.62 -19.96
N TYR B 215 -5.00 -4.49 -19.29
CA TYR B 215 -3.87 -3.65 -18.89
C TYR B 215 -3.19 -4.15 -17.63
N ARG B 216 -3.97 -4.71 -16.71
CA ARG B 216 -3.38 -5.30 -15.51
C ARG B 216 -2.53 -6.53 -15.83
N ALA B 217 -2.74 -7.11 -17.01
CA ALA B 217 -1.88 -8.20 -17.48
C ALA B 217 -0.81 -7.76 -18.48
N LEU B 218 -0.69 -6.45 -18.73
CA LEU B 218 0.21 -5.98 -19.79
C LEU B 218 1.70 -6.26 -19.53
N ASN B 219 2.14 -6.08 -18.29
CA ASN B 219 3.54 -6.38 -17.97
C ASN B 219 3.82 -7.87 -18.14
N GLU B 220 2.84 -8.70 -17.80
CA GLU B 220 2.98 -10.14 -17.99
C GLU B 220 3.07 -10.44 -19.48
N SER B 221 2.24 -9.77 -20.27
CA SER B 221 2.31 -9.95 -21.72
C SER B 221 3.68 -9.54 -22.29
N VAL B 222 4.22 -8.43 -21.79
CA VAL B 222 5.58 -8.02 -22.18
C VAL B 222 6.60 -9.11 -21.84
N ARG B 223 6.49 -9.68 -20.65
CA ARG B 223 7.42 -10.72 -20.25
C ARG B 223 7.27 -11.95 -21.14
N GLN B 224 6.04 -12.35 -21.44
CA GLN B 224 5.77 -13.46 -22.36
C GLN B 224 6.39 -13.19 -23.72
N ASN B 225 6.18 -11.97 -24.23
CA ASN B 225 6.63 -11.63 -25.57
C ASN B 225 8.16 -11.60 -25.69
N ALA B 226 8.84 -11.32 -24.59
CA ALA B 226 10.30 -11.33 -24.60
C ALA B 226 10.84 -12.70 -25.01
N GLU B 227 10.20 -13.76 -24.52
CA GLU B 227 10.57 -15.12 -24.91
C GLU B 227 10.11 -15.48 -26.31
N LEU B 228 8.85 -15.16 -26.61
CA LEU B 228 8.28 -15.52 -27.91
C LEU B 228 9.00 -14.89 -29.10
N ALA B 229 9.50 -13.66 -28.89
CA ALA B 229 10.11 -12.88 -29.96
C ALA B 229 11.44 -13.43 -30.42
N LYS B 230 11.96 -14.42 -29.69
CA LYS B 230 13.19 -15.10 -30.14
C LYS B 230 12.99 -15.74 -31.51
N THR B 231 11.73 -15.99 -31.88
CA THR B 231 11.38 -16.49 -33.20
C THR B 231 10.71 -15.42 -34.05
N ARG B 232 11.36 -15.05 -35.16
CA ARG B 232 10.83 -14.00 -36.04
C ARG B 232 9.62 -14.49 -36.83
N LEU B 233 8.70 -13.59 -37.11
CA LEU B 233 7.54 -13.91 -37.96
C LEU B 233 7.96 -14.02 -39.42
N GLN B 234 7.51 -15.08 -40.10
CA GLN B 234 7.92 -15.34 -41.47
C GLN B 234 6.84 -15.10 -42.53
N MET B 235 5.59 -14.91 -42.10
CA MET B 235 4.51 -14.67 -43.06
C MET B 235 4.52 -13.24 -43.58
N PRO B 236 3.99 -13.03 -44.80
CA PRO B 236 3.81 -11.68 -45.34
C PRO B 236 2.99 -10.82 -44.35
N THR B 237 3.51 -9.66 -44.01
CA THR B 237 2.92 -8.80 -43.00
CA THR B 237 2.87 -8.80 -43.04
C THR B 237 2.76 -7.38 -43.56
N MET B 238 1.67 -6.73 -43.19
CA MET B 238 1.50 -5.32 -43.50
C MET B 238 1.15 -4.58 -42.22
N THR B 239 1.80 -3.45 -41.98
CA THR B 239 1.39 -2.58 -40.89
C THR B 239 0.69 -1.34 -41.44
N LEU B 240 -0.28 -0.82 -40.69
CA LEU B 240 -0.93 0.44 -40.99
C LEU B 240 -0.90 1.30 -39.74
N ALA B 241 -0.72 2.60 -39.93
CA ALA B 241 -0.75 3.50 -38.78
C ALA B 241 -1.28 4.84 -39.23
N GLY B 242 -1.84 5.60 -38.28
CA GLY B 242 -2.32 6.93 -38.62
C GLY B 242 -1.19 7.93 -38.55
N GLY B 243 -1.16 8.84 -39.51
CA GLY B 243 -0.16 9.90 -39.53
C GLY B 243 -0.64 11.22 -38.93
N GLY B 244 -1.92 11.30 -38.60
CA GLY B 244 -2.45 12.52 -38.00
C GLY B 244 -2.47 12.46 -36.49
N HIS B 245 -3.10 13.46 -35.88
CA HIS B 245 -3.23 13.51 -34.42
C HIS B 245 -3.79 12.22 -33.86
N GLY B 246 -3.12 11.66 -32.85
CA GLY B 246 -3.59 10.43 -32.21
C GLY B 246 -2.98 9.16 -32.78
N GLY B 247 -2.37 9.27 -33.94
CA GLY B 247 -1.83 8.09 -34.62
C GLY B 247 -0.43 7.74 -34.15
N MET B 248 0.03 6.55 -34.51
CA MET B 248 1.36 6.05 -34.11
C MET B 248 2.47 6.36 -35.10
N GLY B 249 2.10 6.83 -36.29
CA GLY B 249 3.09 7.21 -37.29
C GLY B 249 4.05 6.08 -37.60
N THR B 250 5.34 6.40 -37.72
CA THR B 250 6.35 5.44 -38.16
C THR B 250 6.61 4.31 -37.17
N PHE B 251 6.16 4.45 -35.92
CA PHE B 251 6.43 3.44 -34.90
C PHE B 251 5.97 2.05 -35.29
N GLN B 252 4.77 1.96 -35.86
CA GLN B 252 4.16 0.68 -36.16
C GLN B 252 5.08 -0.16 -37.05
N LEU B 253 5.51 0.41 -38.18
CA LEU B 253 6.38 -0.31 -39.11
C LEU B 253 7.76 -0.55 -38.49
N GLU B 254 8.30 0.47 -37.84
CA GLU B 254 9.65 0.35 -37.29
C GLU B 254 9.73 -0.73 -36.20
N GLN B 255 8.70 -0.81 -35.35
CA GLN B 255 8.65 -1.90 -34.38
C GLN B 255 8.52 -3.24 -35.11
N MET B 256 7.63 -3.30 -36.09
CA MET B 256 7.35 -4.56 -36.76
C MET B 256 8.58 -5.13 -37.50
N LYS B 257 9.46 -4.25 -37.99
CA LYS B 257 10.67 -4.70 -38.68
C LYS B 257 11.55 -5.56 -37.78
N ALA B 258 11.50 -5.29 -36.48
CA ALA B 258 12.23 -6.10 -35.51
C ALA B 258 11.60 -7.47 -35.30
N TYR B 259 10.32 -7.61 -35.64
CA TYR B 259 9.59 -8.85 -35.42
C TYR B 259 9.42 -9.72 -36.67
N ALA B 260 9.38 -9.08 -37.82
CA ALA B 260 8.95 -9.74 -39.04
C ALA B 260 9.99 -9.66 -40.14
N GLU B 261 10.18 -10.78 -40.83
CA GLU B 261 11.11 -10.84 -41.96
C GLU B 261 10.56 -10.16 -43.22
N ASP B 262 9.24 -10.22 -43.38
CA ASP B 262 8.60 -9.80 -44.62
C ASP B 262 7.47 -8.81 -44.32
N VAL B 263 7.81 -7.53 -44.25
CA VAL B 263 6.84 -6.54 -43.82
C VAL B 263 6.85 -5.31 -44.71
N GLU B 264 5.66 -4.82 -45.01
CA GLU B 264 5.52 -3.53 -45.67
C GLU B 264 4.64 -2.69 -44.76
N GLY B 265 4.81 -1.38 -44.81
CA GLY B 265 4.04 -0.52 -43.93
C GLY B 265 3.51 0.70 -44.65
N HIS B 266 2.41 1.22 -44.14
CA HIS B 266 1.88 2.50 -44.59
C HIS B 266 1.48 3.38 -43.43
N VAL B 267 1.72 4.67 -43.57
CA VAL B 267 1.24 5.66 -42.62
C VAL B 267 0.22 6.53 -43.37
N LEU B 268 -0.97 6.66 -42.79
CA LEU B 268 -2.08 7.33 -43.46
C LEU B 268 -2.19 8.77 -42.97
N PRO B 269 -1.78 9.73 -43.79
CA PRO B 269 -1.87 11.14 -43.39
C PRO B 269 -3.33 11.54 -43.18
N GLY B 270 -3.59 12.39 -42.19
CA GLY B 270 -4.93 12.85 -41.92
C GLY B 270 -5.78 11.87 -41.15
N CYS B 271 -5.17 10.81 -40.62
CA CYS B 271 -5.91 9.79 -39.86
C CYS B 271 -5.30 9.58 -38.50
N GLY B 272 -6.13 9.39 -37.48
CA GLY B 272 -5.61 9.12 -36.15
C GLY B 272 -5.56 7.64 -35.82
N HIS B 273 -5.89 7.33 -34.57
CA HIS B 273 -5.77 5.97 -34.04
C HIS B 273 -6.82 4.99 -34.55
N TRP B 274 -8.02 5.49 -34.82
CA TRP B 274 -9.15 4.62 -35.09
C TRP B 274 -9.35 4.39 -36.58
N LEU B 275 -8.34 3.78 -37.20
CA LEU B 275 -8.30 3.69 -38.67
C LEU B 275 -9.56 3.16 -39.35
N PRO B 276 -10.17 2.07 -38.82
CA PRO B 276 -11.32 1.55 -39.55
C PRO B 276 -12.49 2.53 -39.62
N GLU B 277 -12.59 3.45 -38.66
CA GLU B 277 -13.69 4.42 -38.69
C GLU B 277 -13.28 5.80 -39.21
N GLU B 278 -12.09 6.25 -38.84
CA GLU B 278 -11.61 7.55 -39.27
C GLU B 278 -11.25 7.57 -40.74
N CYS B 279 -10.77 6.45 -41.25
CA CYS B 279 -10.21 6.40 -42.59
C CYS B 279 -10.55 5.08 -43.27
N ALA B 280 -11.85 4.77 -43.25
CA ALA B 280 -12.38 3.51 -43.71
C ALA B 280 -12.01 3.20 -45.17
N ALA B 281 -12.21 4.16 -46.08
CA ALA B 281 -11.98 3.88 -47.50
C ALA B 281 -10.53 3.49 -47.84
N PRO B 282 -9.54 4.31 -47.45
CA PRO B 282 -8.17 3.88 -47.76
C PRO B 282 -7.70 2.71 -46.92
N MET B 283 -8.12 2.61 -45.65
CA MET B 283 -7.72 1.44 -44.87
C MET B 283 -8.29 0.16 -45.47
N ASN B 284 -9.59 0.18 -45.78
CA ASN B 284 -10.22 -0.96 -46.42
C ASN B 284 -9.50 -1.34 -47.70
N ARG B 285 -9.17 -0.36 -48.54
CA ARG B 285 -8.50 -0.63 -49.81
C ARG B 285 -7.16 -1.34 -49.60
N LEU B 286 -6.37 -0.83 -48.66
CA LEU B 286 -5.04 -1.37 -48.43
C LEU B 286 -5.09 -2.79 -47.88
N VAL B 287 -6.03 -3.03 -46.98
CA VAL B 287 -6.21 -4.35 -46.41
C VAL B 287 -6.67 -5.34 -47.48
N ILE B 288 -7.69 -4.94 -48.25
CA ILE B 288 -8.23 -5.81 -49.28
C ILE B 288 -7.19 -6.18 -50.33
N ASP B 289 -6.42 -5.18 -50.79
CA ASP B 289 -5.40 -5.44 -51.80
C ASP B 289 -4.30 -6.35 -51.26
N PHE B 290 -3.80 -6.05 -50.06
CA PHE B 290 -2.78 -6.87 -49.43
C PHE B 290 -3.21 -8.33 -49.25
N LEU B 291 -4.43 -8.56 -48.77
CA LEU B 291 -4.91 -9.91 -48.58
C LEU B 291 -5.22 -10.59 -49.91
N SER B 292 -5.61 -9.81 -50.91
CA SER B 292 -6.02 -10.39 -52.19
C SER B 292 -4.85 -10.79 -53.06
N ARG B 293 -3.64 -10.45 -52.63
CA ARG B 293 -2.43 -10.92 -53.29
C ARG B 293 -2.21 -12.41 -53.04
N GLY B 294 -2.86 -12.94 -51.99
CA GLY B 294 -2.84 -14.36 -51.72
C GLY B 294 -4.07 -15.07 -52.29
N ARG B 295 -4.16 -16.38 -52.08
CA ARG B 295 -5.29 -17.15 -52.64
C ARG B 295 -6.62 -16.72 -52.03
N HIS B 296 -7.62 -16.50 -52.88
CA HIS B 296 -8.94 -16.09 -52.42
C HIS B 296 -10.06 -16.46 -53.40
N HIS B 297 -11.28 -16.14 -53.01
CA HIS B 297 -12.46 -16.43 -53.82
C HIS B 297 -12.72 -15.34 -54.86
N ALA C 1 -13.28 -28.94 -10.35
CA ALA C 1 -13.40 -27.58 -9.83
C ALA C 1 -12.06 -27.06 -9.30
N GLU C 2 -11.51 -26.06 -9.99
CA GLU C 2 -10.19 -25.57 -9.63
C GLU C 2 -10.27 -24.17 -9.00
N GLU C 3 -9.53 -23.96 -7.92
CA GLU C 3 -9.50 -22.65 -7.27
C GLU C 3 -8.75 -21.61 -8.10
N PHE C 4 -7.79 -22.06 -8.91
CA PHE C 4 -6.93 -21.17 -9.69
C PHE C 4 -6.72 -21.74 -11.08
N PRO C 5 -6.60 -20.86 -12.09
CA PRO C 5 -6.41 -21.34 -13.46
C PRO C 5 -5.09 -22.07 -13.65
N VAL C 6 -5.18 -23.25 -14.25
CA VAL C 6 -4.00 -24.06 -14.53
C VAL C 6 -3.37 -23.56 -15.83
N PRO C 7 -2.04 -23.36 -15.84
CA PRO C 7 -1.36 -22.87 -17.05
C PRO C 7 -1.50 -23.88 -18.17
N ASN C 8 -1.39 -23.40 -19.40
CA ASN C 8 -1.54 -24.25 -20.57
C ASN C 8 -0.51 -25.36 -20.56
N GLY C 9 -0.96 -26.61 -20.71
CA GLY C 9 -0.06 -27.74 -20.77
C GLY C 9 0.27 -28.35 -19.43
N PHE C 10 -0.30 -27.80 -18.36
CA PHE C 10 -0.10 -28.34 -17.02
C PHE C 10 -1.34 -29.10 -16.60
N GLU C 11 -1.18 -30.03 -15.66
CA GLU C 11 -2.31 -30.79 -15.16
C GLU C 11 -2.48 -30.52 -13.68
N SER C 12 -3.74 -30.47 -13.24
CA SER C 12 -4.05 -30.37 -11.82
C SER C 12 -4.43 -31.77 -11.38
N ALA C 13 -3.74 -32.30 -10.38
CA ALA C 13 -3.97 -33.67 -9.94
C ALA C 13 -3.81 -33.79 -8.42
N TYR C 14 -3.95 -35.01 -7.91
CA TYR C 14 -3.83 -35.26 -6.47
C TYR C 14 -3.01 -36.51 -6.25
N ARG C 15 -2.25 -36.55 -5.15
CA ARG C 15 -1.58 -37.77 -4.73
C ARG C 15 -1.86 -37.98 -3.25
N GLU C 16 -2.25 -39.19 -2.90
CA GLU C 16 -2.42 -39.55 -1.51
C GLU C 16 -1.05 -39.90 -0.95
N VAL C 17 -0.68 -39.22 0.12
CA VAL C 17 0.61 -39.45 0.77
C VAL C 17 0.37 -39.60 2.27
N ASP C 18 0.70 -40.77 2.80
CA ASP C 18 0.47 -41.08 4.21
C ASP C 18 -0.95 -40.73 4.67
N GLY C 19 -1.94 -41.09 3.86
CA GLY C 19 -3.33 -40.87 4.19
C GLY C 19 -3.85 -39.46 3.92
N VAL C 20 -2.99 -38.62 3.36
CA VAL C 20 -3.38 -37.24 3.09
C VAL C 20 -3.39 -36.97 1.59
N LYS C 21 -4.52 -36.50 1.08
CA LYS C 21 -4.63 -36.18 -0.35
C LYS C 21 -4.03 -34.80 -0.60
N LEU C 22 -2.89 -34.79 -1.29
CA LEU C 22 -2.22 -33.53 -1.64
C LEU C 22 -2.56 -33.11 -3.06
N HIS C 23 -2.93 -31.85 -3.22
CA HIS C 23 -3.17 -31.32 -4.56
C HIS C 23 -1.86 -30.75 -5.11
N TYR C 24 -1.66 -30.90 -6.42
CA TYR C 24 -0.50 -30.29 -7.05
C TYR C 24 -0.81 -29.98 -8.50
N VAL C 25 0.01 -29.10 -9.08
CA VAL C 25 -0.06 -28.81 -10.52
C VAL C 25 1.28 -29.20 -11.11
N LYS C 26 1.26 -29.93 -12.23
CA LYS C 26 2.47 -30.50 -12.78
C LYS C 26 2.57 -30.28 -14.29
N GLY C 27 3.78 -30.04 -14.77
CA GLY C 27 3.99 -29.90 -16.20
C GLY C 27 5.47 -29.99 -16.55
N GLY C 28 5.76 -30.16 -17.83
CA GLY C 28 7.14 -30.16 -18.29
C GLY C 28 7.77 -31.53 -18.29
N GLN C 29 9.05 -31.57 -18.61
CA GLN C 29 9.78 -32.82 -18.78
C GLN C 29 11.22 -32.57 -18.38
N GLY C 30 11.90 -33.62 -17.94
CA GLY C 30 13.27 -33.51 -17.46
C GLY C 30 13.34 -33.64 -15.95
N PRO C 31 14.51 -33.33 -15.36
CA PRO C 31 14.68 -33.46 -13.91
C PRO C 31 13.61 -32.67 -13.14
N LEU C 32 13.29 -33.15 -11.93
CA LEU C 32 12.18 -32.59 -11.16
C LEU C 32 12.55 -31.37 -10.33
N VAL C 33 11.71 -30.34 -10.41
CA VAL C 33 11.78 -29.20 -9.51
CA VAL C 33 11.79 -29.23 -9.48
C VAL C 33 10.45 -29.09 -8.77
N MET C 34 10.50 -28.99 -7.45
CA MET C 34 9.29 -28.83 -6.67
C MET C 34 9.27 -27.40 -6.16
N LEU C 35 8.16 -26.71 -6.36
CA LEU C 35 8.00 -25.31 -5.92
C LEU C 35 6.99 -25.30 -4.79
N VAL C 36 7.36 -24.74 -3.64
CA VAL C 36 6.50 -24.84 -2.45
C VAL C 36 6.11 -23.46 -1.94
N HIS C 37 4.80 -23.18 -2.00
CA HIS C 37 4.26 -21.85 -1.69
C HIS C 37 4.25 -21.57 -0.21
N GLY C 38 3.83 -20.35 0.15
CA GLY C 38 3.77 -19.95 1.54
C GLY C 38 2.40 -19.48 2.01
N PHE C 39 2.40 -18.77 3.13
CA PHE C 39 1.17 -18.33 3.78
C PHE C 39 0.39 -17.33 2.95
N GLY C 40 -0.93 -17.46 2.97
CA GLY C 40 -1.80 -16.51 2.28
C GLY C 40 -1.99 -16.88 0.82
N GLN C 41 -1.26 -17.90 0.37
CA GLN C 41 -1.26 -18.26 -1.04
C GLN C 41 -1.33 -19.76 -1.26
N THR C 42 -1.05 -20.18 -2.48
CA THR C 42 -1.19 -21.58 -2.90
C THR C 42 -0.18 -21.81 -4.02
N TRP C 43 -0.26 -22.97 -4.68
CA TRP C 43 0.62 -23.25 -5.82
C TRP C 43 0.61 -22.12 -6.85
N TYR C 44 -0.52 -21.41 -6.94
CA TYR C 44 -0.72 -20.38 -7.95
C TYR C 44 0.33 -19.27 -7.93
N GLU C 45 0.99 -19.01 -6.80
CA GLU C 45 2.01 -17.94 -6.81
C GLU C 45 3.12 -18.26 -7.82
N TRP C 46 3.25 -19.53 -8.18
CA TRP C 46 4.31 -19.98 -9.07
C TRP C 46 3.90 -19.98 -10.53
N HIS C 47 2.66 -19.58 -10.83
CA HIS C 47 2.11 -19.87 -12.15
C HIS C 47 2.81 -19.16 -13.31
N GLN C 48 3.52 -18.07 -13.02
CA GLN C 48 4.27 -17.38 -14.06
C GLN C 48 5.64 -18.03 -14.26
N LEU C 49 6.22 -18.52 -13.18
CA LEU C 49 7.52 -19.18 -13.26
C LEU C 49 7.39 -20.57 -13.88
N MET C 50 6.27 -21.23 -13.63
CA MET C 50 6.11 -22.65 -14.00
C MET C 50 6.33 -22.97 -15.49
N PRO C 51 5.69 -22.24 -16.42
CA PRO C 51 5.86 -22.64 -17.82
C PRO C 51 7.28 -22.37 -18.30
N GLU C 52 7.96 -21.42 -17.66
CA GLU C 52 9.35 -21.14 -18.00
C GLU C 52 10.29 -22.27 -17.56
N LEU C 53 10.15 -22.72 -16.32
CA LEU C 53 10.93 -23.86 -15.82
C LEU C 53 10.60 -25.15 -16.57
N ALA C 54 9.35 -25.25 -17.02
CA ALA C 54 8.88 -26.48 -17.64
C ALA C 54 9.54 -26.72 -18.99
N LYS C 55 10.23 -25.72 -19.53
CA LYS C 55 10.97 -25.91 -20.76
C LYS C 55 12.22 -26.77 -20.55
N ARG C 56 12.63 -26.90 -19.30
CA ARG C 56 13.88 -27.61 -18.98
C ARG C 56 13.70 -28.64 -17.87
N PHE C 57 12.59 -28.56 -17.14
CA PHE C 57 12.40 -29.42 -15.98
C PHE C 57 10.99 -29.99 -15.94
N THR C 58 10.82 -31.05 -15.15
CA THR C 58 9.47 -31.47 -14.77
C THR C 58 9.17 -30.66 -13.54
N VAL C 59 8.06 -29.92 -13.56
CA VAL C 59 7.74 -28.98 -12.49
C VAL C 59 6.51 -29.46 -11.72
N ILE C 60 6.62 -29.55 -10.40
CA ILE C 60 5.46 -29.82 -9.56
CA ILE C 60 5.46 -29.82 -9.56
C ILE C 60 5.30 -28.73 -8.50
N ALA C 61 4.07 -28.25 -8.34
CA ALA C 61 3.79 -27.23 -7.33
C ALA C 61 2.62 -27.69 -6.50
N PRO C 62 2.89 -28.25 -5.32
CA PRO C 62 1.79 -28.72 -4.48
C PRO C 62 1.17 -27.61 -3.64
N ASP C 63 -0.03 -27.85 -3.16
CA ASP C 63 -0.62 -27.04 -2.10
C ASP C 63 -0.20 -27.65 -0.77
N LEU C 64 0.25 -26.81 0.15
CA LEU C 64 0.61 -27.27 1.49
C LEU C 64 -0.59 -27.91 2.16
N PRO C 65 -0.35 -28.92 3.02
CA PRO C 65 -1.43 -29.58 3.75
C PRO C 65 -2.41 -28.59 4.38
N GLY C 66 -3.69 -28.75 4.03
CA GLY C 66 -4.76 -27.94 4.57
C GLY C 66 -5.03 -26.65 3.81
N LEU C 67 -4.07 -26.24 2.98
CA LEU C 67 -4.16 -25.03 2.17
C LEU C 67 -4.49 -25.37 0.72
N GLY C 68 -5.00 -24.38 -0.03
CA GLY C 68 -5.40 -24.65 -1.41
C GLY C 68 -6.34 -25.86 -1.45
N GLN C 69 -6.05 -26.81 -2.33
CA GLN C 69 -6.90 -28.00 -2.46
C GLN C 69 -6.36 -29.26 -1.80
N SER C 70 -5.41 -29.08 -0.87
CA SER C 70 -4.82 -30.21 -0.14
C SER C 70 -5.49 -30.45 1.21
N GLU C 71 -5.67 -31.72 1.55
CA GLU C 71 -6.20 -32.08 2.86
C GLU C 71 -5.21 -31.71 3.95
N PRO C 72 -5.71 -31.41 5.16
CA PRO C 72 -4.85 -31.16 6.33
C PRO C 72 -4.00 -32.37 6.64
N PRO C 73 -2.86 -32.16 7.32
CA PRO C 73 -1.98 -33.27 7.67
C PRO C 73 -2.65 -34.11 8.74
N LYS C 74 -2.31 -35.40 8.81
CA LYS C 74 -2.84 -36.26 9.86
C LYS C 74 -1.91 -36.35 11.08
N THR C 75 -0.63 -36.07 10.88
CA THR C 75 0.30 -36.11 11.99
C THR C 75 0.28 -34.76 12.76
N GLY C 76 0.71 -33.70 12.10
CA GLY C 76 0.67 -32.38 12.70
C GLY C 76 1.28 -31.36 11.76
N TYR C 77 1.43 -30.12 12.25
CA TYR C 77 1.83 -29.01 11.40
C TYR C 77 3.26 -28.53 11.62
N SER C 78 4.01 -29.22 12.47
CA SER C 78 5.41 -28.84 12.67
C SER C 78 6.20 -29.08 11.39
N GLY C 79 7.33 -28.39 11.26
CA GLY C 79 8.13 -28.48 10.06
C GLY C 79 8.51 -29.90 9.74
N GLU C 80 8.90 -30.66 10.75
CA GLU C 80 9.38 -32.01 10.48
C GLU C 80 8.22 -32.92 10.04
N GLN C 81 7.05 -32.69 10.59
CA GLN C 81 5.88 -33.48 10.22
C GLN C 81 5.42 -33.20 8.79
N VAL C 82 5.23 -31.93 8.47
CA VAL C 82 4.83 -31.55 7.11
C VAL C 82 5.86 -31.94 6.06
N ALA C 83 7.14 -31.86 6.41
CA ALA C 83 8.21 -32.14 5.46
C ALA C 83 8.17 -33.58 4.95
N VAL C 84 7.76 -34.53 5.80
CA VAL C 84 7.58 -35.92 5.36
C VAL C 84 6.65 -35.99 4.15
N TYR C 85 5.54 -35.25 4.21
CA TYR C 85 4.56 -35.29 3.13
C TYR C 85 5.17 -34.79 1.83
N LEU C 86 5.86 -33.66 1.91
CA LEU C 86 6.42 -33.06 0.70
C LEU C 86 7.58 -33.89 0.13
N HIS C 87 8.39 -34.48 1.02
CA HIS C 87 9.51 -35.31 0.58
C HIS C 87 8.97 -36.56 -0.13
N LYS C 88 7.97 -37.20 0.45
CA LYS C 88 7.40 -38.39 -0.18
C LYS C 88 6.70 -38.07 -1.50
N LEU C 89 6.07 -36.91 -1.59
CA LEU C 89 5.43 -36.50 -2.83
C LEU C 89 6.45 -36.38 -3.93
N ALA C 90 7.50 -35.61 -3.67
CA ALA C 90 8.54 -35.38 -4.66
C ALA C 90 9.19 -36.69 -5.09
N ARG C 91 9.45 -37.56 -4.13
CA ARG C 91 10.13 -38.82 -4.43
C ARG C 91 9.24 -39.79 -5.22
N GLN C 92 7.93 -39.59 -5.21
CA GLN C 92 7.06 -40.38 -6.09
C GLN C 92 7.36 -40.04 -7.54
N PHE C 93 7.65 -38.77 -7.81
CA PHE C 93 7.92 -38.30 -9.16
C PHE C 93 9.41 -38.44 -9.53
N SER C 94 10.28 -38.44 -8.53
CA SER C 94 11.72 -38.56 -8.78
C SER C 94 12.35 -39.58 -7.84
N PRO C 95 11.98 -40.87 -7.99
CA PRO C 95 12.40 -41.90 -7.03
C PRO C 95 13.87 -42.34 -7.18
N ASP C 96 14.48 -42.10 -8.34
CA ASP C 96 15.81 -42.59 -8.64
C ASP C 96 16.86 -41.51 -8.78
N ARG C 97 16.44 -40.25 -8.65
CA ARG C 97 17.35 -39.12 -8.86
C ARG C 97 17.02 -37.98 -7.90
N PRO C 98 18.02 -37.17 -7.54
CA PRO C 98 17.72 -36.00 -6.70
C PRO C 98 16.89 -34.98 -7.46
N PHE C 99 16.13 -34.17 -6.72
CA PHE C 99 15.30 -33.14 -7.33
C PHE C 99 15.70 -31.77 -6.78
N ASP C 100 15.28 -30.72 -7.47
CA ASP C 100 15.50 -29.35 -6.99
C ASP C 100 14.31 -28.86 -6.19
N LEU C 101 14.56 -27.93 -5.27
CA LEU C 101 13.52 -27.42 -4.40
C LEU C 101 13.60 -25.89 -4.37
N VAL C 102 12.45 -25.25 -4.58
CA VAL C 102 12.31 -23.80 -4.41
C VAL C 102 11.17 -23.61 -3.44
N ALA C 103 11.37 -22.83 -2.37
CA ALA C 103 10.32 -22.63 -1.39
C ALA C 103 10.29 -21.18 -0.95
N HIS C 104 9.08 -20.69 -0.72
CA HIS C 104 8.82 -19.30 -0.36
C HIS C 104 8.09 -19.30 0.99
N ASP C 105 8.50 -18.43 1.90
CA ASP C 105 7.74 -18.21 3.13
C ASP C 105 7.64 -19.51 3.94
N ILE C 106 6.45 -19.89 4.42
CA ILE C 106 6.40 -21.07 5.28
C ILE C 106 6.69 -22.36 4.50
N GLY C 107 6.78 -22.25 3.17
CA GLY C 107 7.30 -23.36 2.38
C GLY C 107 8.70 -23.76 2.83
N ILE C 108 9.47 -22.77 3.29
CA ILE C 108 10.78 -23.04 3.92
C ILE C 108 10.63 -23.84 5.21
N TRP C 109 9.75 -23.39 6.10
CA TRP C 109 9.54 -24.09 7.36
C TRP C 109 9.18 -25.56 7.11
N ASN C 110 8.39 -25.77 6.06
CA ASN C 110 7.83 -27.08 5.77
C ASN C 110 8.70 -27.97 4.89
N THR C 111 9.88 -27.47 4.52
CA THR C 111 10.80 -28.30 3.73
C THR C 111 12.18 -28.45 4.34
N TYR C 112 12.59 -27.50 5.18
CA TYR C 112 13.94 -27.57 5.71
C TYR C 112 14.29 -28.93 6.36
N PRO C 113 13.42 -29.47 7.22
CA PRO C 113 13.79 -30.75 7.82
C PRO C 113 13.98 -31.90 6.82
N MET C 114 13.21 -31.96 5.73
CA MET C 114 13.40 -33.08 4.82
C MET C 114 14.65 -32.87 3.96
N VAL C 115 15.07 -31.62 3.79
CA VAL C 115 16.32 -31.33 3.10
C VAL C 115 17.53 -31.75 3.95
N VAL C 116 17.55 -31.40 5.22
CA VAL C 116 18.68 -31.76 6.05
C VAL C 116 18.74 -33.25 6.31
N LYS C 117 17.58 -33.91 6.40
CA LYS C 117 17.54 -35.34 6.69
C LYS C 117 17.71 -36.22 5.45
N ASN C 118 17.63 -35.62 4.27
CA ASN C 118 17.76 -36.37 3.02
C ASN C 118 18.58 -35.58 2.01
N GLN C 119 19.77 -35.15 2.44
CA GLN C 119 20.58 -34.25 1.60
C GLN C 119 20.84 -34.79 0.20
N ALA C 120 21.06 -36.10 0.09
CA ALA C 120 21.33 -36.69 -1.22
C ALA C 120 20.16 -36.55 -2.20
N ASP C 121 18.95 -36.34 -1.69
CA ASP C 121 17.77 -36.27 -2.55
C ASP C 121 17.56 -34.86 -3.15
N ILE C 122 18.32 -33.88 -2.64
CA ILE C 122 18.17 -32.49 -3.06
C ILE C 122 19.37 -32.00 -3.85
N ALA C 123 19.20 -31.83 -5.15
CA ALA C 123 20.31 -31.42 -6.01
C ALA C 123 20.66 -29.96 -5.76
N ARG C 124 19.65 -29.11 -5.87
CA ARG C 124 19.85 -27.67 -5.65
C ARG C 124 18.66 -27.09 -4.88
N LEU C 125 18.91 -26.01 -4.13
CA LEU C 125 17.92 -25.49 -3.22
C LEU C 125 17.82 -23.97 -3.36
N VAL C 126 16.61 -23.45 -3.47
CA VAL C 126 16.37 -22.00 -3.47
C VAL C 126 15.35 -21.67 -2.38
N TYR C 127 15.74 -20.82 -1.44
CA TYR C 127 14.82 -20.40 -0.38
C TYR C 127 14.63 -18.90 -0.47
N MET C 128 13.39 -18.45 -0.36
CA MET C 128 13.13 -17.02 -0.39
C MET C 128 12.15 -16.56 0.68
N GLU C 129 12.47 -15.42 1.29
CA GLU C 129 11.48 -14.67 2.05
C GLU C 129 10.79 -15.42 3.19
N ALA C 130 11.60 -15.95 4.10
CA ALA C 130 11.14 -16.35 5.44
C ALA C 130 12.34 -16.82 6.23
N PRO C 131 12.33 -16.59 7.55
CA PRO C 131 13.39 -17.20 8.35
C PRO C 131 13.17 -18.72 8.46
N ILE C 132 14.25 -19.49 8.46
CA ILE C 132 14.16 -20.88 8.89
C ILE C 132 13.82 -20.81 10.38
N PRO C 133 12.88 -21.62 10.85
CA PRO C 133 12.56 -21.48 12.28
C PRO C 133 13.74 -21.83 13.20
N ASP C 134 14.21 -20.81 13.92
CA ASP C 134 15.21 -20.98 14.96
C ASP C 134 15.10 -19.83 15.96
N ALA C 135 16.02 -19.78 16.92
CA ALA C 135 15.90 -18.78 17.99
C ALA C 135 16.00 -17.32 17.51
N ARG C 136 16.47 -17.12 16.28
CA ARG C 136 16.54 -15.77 15.72
C ARG C 136 15.16 -15.14 15.65
N ILE C 137 14.12 -15.97 15.48
CA ILE C 137 12.77 -15.42 15.36
C ILE C 137 12.28 -14.75 16.64
N TYR C 138 12.88 -15.09 17.77
CA TYR C 138 12.52 -14.51 19.05
C TYR C 138 13.11 -13.12 19.24
N ARG C 139 13.91 -12.69 18.27
CA ARG C 139 14.55 -11.38 18.35
C ARG C 139 13.86 -10.28 17.55
N PHE C 140 12.98 -10.66 16.63
CA PHE C 140 12.27 -9.68 15.81
CA PHE C 140 12.26 -9.68 15.81
C PHE C 140 11.36 -8.84 16.71
N PRO C 141 11.31 -7.53 16.48
CA PRO C 141 10.51 -6.65 17.35
C PRO C 141 9.02 -6.71 17.08
N ALA C 142 8.23 -6.52 18.14
CA ALA C 142 6.77 -6.47 18.03
C ALA C 142 6.28 -5.18 17.36
N PHE C 143 7.09 -4.14 17.41
CA PHE C 143 6.65 -2.81 16.99
C PHE C 143 7.88 -2.03 16.57
N THR C 144 7.76 -1.17 15.56
CA THR C 144 8.92 -0.46 15.06
C THR C 144 8.62 1.03 14.98
N ALA C 145 9.68 1.80 14.83
CA ALA C 145 9.59 3.25 14.70
C ALA C 145 8.83 3.66 13.43
N GLN C 146 8.67 2.72 12.50
CA GLN C 146 7.87 3.00 11.30
C GLN C 146 6.40 2.60 11.50
N GLY C 147 6.15 1.78 12.51
CA GLY C 147 4.80 1.29 12.80
C GLY C 147 4.73 -0.22 12.83
N GLU C 148 3.67 -0.77 12.22
CA GLU C 148 3.42 -2.20 12.24
C GLU C 148 4.63 -2.99 11.72
N SER C 149 5.05 -4.00 12.49
CA SER C 149 6.31 -4.72 12.26
C SER C 149 6.13 -5.94 11.33
N LEU C 150 7.24 -6.57 10.97
CA LEU C 150 7.22 -7.65 9.98
C LEU C 150 6.49 -8.91 10.45
N VAL C 151 6.71 -9.30 11.71
CA VAL C 151 6.21 -10.59 12.15
C VAL C 151 5.37 -10.58 13.43
N TRP C 152 4.68 -9.49 13.73
CA TRP C 152 3.79 -9.46 14.89
C TRP C 152 2.67 -10.49 14.74
N HIS C 153 2.35 -10.82 13.49
CA HIS C 153 1.30 -11.80 13.22
C HIS C 153 1.67 -13.20 13.73
N PHE C 154 2.97 -13.47 13.92
CA PHE C 154 3.37 -14.78 14.48
C PHE C 154 2.61 -15.00 15.79
N SER C 155 2.58 -13.98 16.64
CA SER C 155 1.89 -14.12 17.92
C SER C 155 0.37 -14.13 17.76
N PHE C 156 -0.16 -13.31 16.87
CA PHE C 156 -1.59 -13.27 16.58
C PHE C 156 -2.06 -14.67 16.17
N PHE C 157 -1.34 -15.24 15.22
CA PHE C 157 -1.75 -16.52 14.62
C PHE C 157 -1.57 -17.67 15.61
N ALA C 158 -0.55 -17.58 16.47
CA ALA C 158 -0.26 -18.64 17.44
C ALA C 158 -1.09 -18.56 18.71
N ALA C 159 -1.78 -17.44 18.90
CA ALA C 159 -2.57 -17.23 20.11
C ALA C 159 -3.59 -18.34 20.34
N ASP C 160 -3.78 -18.73 21.60
CA ASP C 160 -4.73 -19.80 21.88
CA ASP C 160 -4.73 -19.76 21.98
C ASP C 160 -6.17 -19.30 21.75
N ASP C 161 -7.11 -20.22 21.98
CA ASP C 161 -8.54 -19.93 21.92
C ASP C 161 -9.00 -19.52 20.53
N ARG C 162 -8.24 -19.93 19.51
CA ARG C 162 -8.60 -19.66 18.12
C ARG C 162 -8.86 -18.18 17.93
N LEU C 163 -8.02 -17.35 18.54
CA LEU C 163 -8.18 -15.90 18.46
C LEU C 163 -8.21 -15.43 17.00
N ALA C 164 -7.20 -15.81 16.22
CA ALA C 164 -7.11 -15.35 14.84
C ALA C 164 -8.27 -15.82 13.96
N GLU C 165 -8.61 -17.11 14.01
CA GLU C 165 -9.74 -17.62 13.21
CA GLU C 165 -9.73 -17.61 13.20
C GLU C 165 -11.04 -16.93 13.61
N THR C 166 -11.20 -16.70 14.91
CA THR C 166 -12.45 -16.15 15.39
C THR C 166 -12.64 -14.72 14.90
N LEU C 167 -11.55 -13.94 14.88
CA LEU C 167 -11.62 -12.56 14.44
C LEU C 167 -11.69 -12.44 12.92
N ILE C 168 -10.99 -13.33 12.23
CA ILE C 168 -10.85 -13.19 10.78
C ILE C 168 -12.00 -13.83 10.00
N ALA C 169 -12.66 -14.82 10.59
CA ALA C 169 -13.79 -15.48 9.93
C ALA C 169 -14.84 -14.46 9.51
N GLY C 170 -15.24 -14.52 8.24
CA GLY C 170 -16.21 -13.57 7.72
C GLY C 170 -15.53 -12.34 7.13
N LYS C 171 -14.25 -12.19 7.39
CA LYS C 171 -13.51 -11.02 6.94
C LYS C 171 -12.18 -11.43 6.31
N GLU C 172 -12.13 -12.61 5.70
CA GLU C 172 -10.89 -13.14 5.15
C GLU C 172 -10.34 -12.30 4.01
N ARG C 173 -11.24 -11.83 3.14
CA ARG C 173 -10.84 -11.06 1.98
C ARG C 173 -10.21 -9.72 2.40
N PHE C 174 -10.81 -9.10 3.41
CA PHE C 174 -10.32 -7.84 3.94
C PHE C 174 -8.97 -8.05 4.58
N PHE C 175 -8.87 -9.07 5.43
CA PHE C 175 -7.62 -9.31 6.13
C PHE C 175 -6.46 -9.61 5.18
N LEU C 176 -6.71 -10.46 4.18
CA LEU C 176 -5.65 -10.88 3.28
C LEU C 176 -5.14 -9.71 2.48
N GLU C 177 -6.04 -8.83 2.05
CA GLU C 177 -5.59 -7.66 1.30
C GLU C 177 -4.64 -6.82 2.15
N HIS C 178 -5.01 -6.60 3.41
CA HIS C 178 -4.16 -5.80 4.28
C HIS C 178 -2.82 -6.50 4.50
N PHE C 179 -2.89 -7.80 4.82
CA PHE C 179 -1.68 -8.56 5.12
C PHE C 179 -0.71 -8.55 3.94
N ILE C 180 -1.24 -8.84 2.76
CA ILE C 180 -0.38 -8.92 1.59
C ILE C 180 0.22 -7.55 1.27
N LYS C 181 -0.64 -6.54 1.19
CA LYS C 181 -0.15 -5.21 0.83
C LYS C 181 0.79 -4.60 1.87
N SER C 182 0.57 -4.88 3.16
CA SER C 182 1.44 -4.33 4.19
C SER C 182 2.83 -4.96 4.10
N HIS C 183 2.93 -6.14 3.47
CA HIS C 183 4.20 -6.82 3.30
C HIS C 183 4.76 -6.65 1.89
N ALA C 184 4.21 -5.71 1.12
CA ALA C 184 4.68 -5.52 -0.26
C ALA C 184 5.32 -4.15 -0.49
N SER C 185 6.18 -4.10 -1.50
CA SER C 185 6.75 -2.84 -1.96
C SER C 185 5.97 -2.43 -3.20
N ASN C 186 5.82 -3.36 -4.15
CA ASN C 186 5.02 -3.13 -5.34
C ASN C 186 3.61 -3.65 -5.14
N THR C 187 2.79 -2.86 -4.47
CA THR C 187 1.47 -3.33 -4.09
C THR C 187 0.56 -3.46 -5.30
N GLU C 188 0.90 -2.77 -6.38
CA GLU C 188 0.00 -2.63 -7.52
C GLU C 188 -0.29 -3.95 -8.26
N VAL C 189 0.53 -4.96 -8.04
CA VAL C 189 0.33 -6.26 -8.69
C VAL C 189 -0.83 -7.02 -8.03
N PHE C 190 -1.20 -6.60 -6.83
CA PHE C 190 -2.31 -7.29 -6.14
C PHE C 190 -3.64 -6.63 -6.46
N SER C 191 -4.10 -6.90 -7.69
CA SER C 191 -5.38 -6.42 -8.16
C SER C 191 -6.45 -7.03 -7.31
N GLU C 192 -7.62 -6.41 -7.34
CA GLU C 192 -8.77 -6.97 -6.60
C GLU C 192 -9.09 -8.37 -7.11
N ARG C 193 -8.94 -8.59 -8.41
CA ARG C 193 -9.20 -9.91 -9.00
C ARG C 193 -8.29 -10.99 -8.39
N LEU C 194 -6.99 -10.71 -8.31
CA LEU C 194 -6.05 -11.68 -7.77
C LEU C 194 -6.32 -11.93 -6.29
N LEU C 195 -6.60 -10.87 -5.55
CA LEU C 195 -6.88 -11.00 -4.12
C LEU C 195 -8.14 -11.83 -3.90
N ASP C 196 -9.13 -11.68 -4.78
CA ASP C 196 -10.37 -12.45 -4.68
C ASP C 196 -10.04 -13.95 -4.76
N LEU C 197 -9.17 -14.32 -5.69
CA LEU C 197 -8.76 -15.72 -5.87
C LEU C 197 -8.10 -16.29 -4.62
N TYR C 198 -7.11 -15.57 -4.08
CA TYR C 198 -6.42 -16.07 -2.91
C TYR C 198 -7.37 -16.13 -1.71
N ALA C 199 -8.21 -15.11 -1.55
CA ALA C 199 -9.08 -15.08 -0.38
C ALA C 199 -10.13 -16.20 -0.41
N ARG C 200 -10.68 -16.49 -1.59
CA ARG C 200 -11.68 -17.55 -1.69
C ARG C 200 -11.10 -18.86 -1.18
N SER C 201 -9.81 -19.08 -1.48
CA SER C 201 -9.16 -20.33 -1.12
C SER C 201 -8.91 -20.43 0.37
N TYR C 202 -8.31 -19.41 0.97
CA TYR C 202 -7.96 -19.53 2.39
C TYR C 202 -9.15 -19.27 3.32
N ALA C 203 -10.27 -18.82 2.77
CA ALA C 203 -11.51 -18.65 3.54
C ALA C 203 -12.27 -19.96 3.76
N LYS C 204 -11.87 -21.02 3.08
CA LYS C 204 -12.41 -22.34 3.42
C LYS C 204 -12.09 -22.56 4.89
N PRO C 205 -13.12 -22.84 5.73
CA PRO C 205 -12.88 -22.91 7.17
C PRO C 205 -11.69 -23.78 7.57
N HIS C 206 -11.54 -24.95 6.96
CA HIS C 206 -10.41 -25.82 7.32
C HIS C 206 -9.08 -25.23 6.87
N SER C 207 -9.11 -24.37 5.84
CA SER C 207 -7.89 -23.73 5.37
C SER C 207 -7.50 -22.55 6.25
N LEU C 208 -8.49 -21.82 6.73
CA LEU C 208 -8.20 -20.70 7.61
C LEU C 208 -7.56 -21.27 8.88
N ASN C 209 -8.13 -22.36 9.38
CA ASN C 209 -7.56 -22.98 10.57
C ASN C 209 -6.18 -23.58 10.29
N ALA C 210 -6.04 -24.28 9.17
CA ALA C 210 -4.74 -24.86 8.83
C ALA C 210 -3.65 -23.81 8.74
N SER C 211 -3.97 -22.65 8.15
CA SER C 211 -3.03 -21.53 8.04
C SER C 211 -2.39 -21.24 9.40
N PHE C 212 -3.22 -21.15 10.42
CA PHE C 212 -2.75 -20.73 11.73
C PHE C 212 -2.07 -21.85 12.52
N GLU C 213 -2.42 -23.10 12.23
CA GLU C 213 -1.77 -24.24 12.86
C GLU C 213 -0.27 -24.30 12.56
N TYR C 214 0.15 -23.80 11.41
CA TYR C 214 1.58 -23.73 11.11
C TYR C 214 2.29 -22.84 12.14
N TYR C 215 1.62 -21.77 12.56
CA TYR C 215 2.21 -20.87 13.54
C TYR C 215 2.12 -21.43 14.94
N ARG C 216 1.03 -22.15 15.22
CA ARG C 216 0.88 -22.80 16.52
C ARG C 216 1.92 -23.90 16.71
N ALA C 217 2.48 -24.41 15.61
CA ALA C 217 3.54 -25.41 15.69
C ALA C 217 4.94 -24.81 15.55
N LEU C 218 5.02 -23.48 15.41
CA LEU C 218 6.31 -22.85 15.12
C LEU C 218 7.36 -23.11 16.19
N ASN C 219 6.98 -23.03 17.46
CA ASN C 219 7.95 -23.28 18.51
C ASN C 219 8.45 -24.72 18.50
N GLU C 220 7.56 -25.66 18.17
CA GLU C 220 7.96 -27.05 18.00
C GLU C 220 8.98 -27.14 16.88
N SER C 221 8.71 -26.47 15.76
CA SER C 221 9.63 -26.48 14.61
C SER C 221 10.99 -25.90 14.99
N VAL C 222 10.99 -24.82 15.77
CA VAL C 222 12.24 -24.29 16.31
C VAL C 222 13.00 -25.35 17.10
N ARG C 223 12.32 -26.04 18.00
CA ARG C 223 12.96 -27.07 18.81
C ARG C 223 13.49 -28.21 17.93
N GLN C 224 12.71 -28.57 16.91
CA GLN C 224 13.15 -29.63 15.99
C GLN C 224 14.42 -29.23 15.22
N ASN C 225 14.44 -27.99 14.75
CA ASN C 225 15.56 -27.50 13.96
C ASN C 225 16.85 -27.30 14.73
N ALA C 226 16.74 -27.05 16.04
CA ALA C 226 17.92 -26.90 16.88
C ALA C 226 18.77 -28.17 16.84
N GLU C 227 18.10 -29.32 16.73
CA GLU C 227 18.80 -30.60 16.57
C GLU C 227 19.29 -30.78 15.14
N LEU C 228 18.40 -30.59 14.18
CA LEU C 228 18.73 -30.82 12.77
C LEU C 228 19.88 -29.94 12.28
N ALA C 229 19.92 -28.69 12.75
CA ALA C 229 20.91 -27.73 12.24
C ALA C 229 22.36 -28.05 12.64
N LYS C 230 22.57 -29.12 13.39
CA LYS C 230 23.93 -29.53 13.76
C LYS C 230 24.71 -30.04 12.55
N THR C 231 24.00 -30.31 11.46
CA THR C 231 24.61 -30.70 10.19
C THR C 231 24.30 -29.65 9.13
N ARG C 232 25.33 -28.98 8.61
CA ARG C 232 25.14 -27.96 7.58
C ARG C 232 24.73 -28.61 6.26
N LEU C 233 23.99 -27.85 5.45
CA LEU C 233 23.58 -28.31 4.13
C LEU C 233 24.77 -28.20 3.21
N GLN C 234 24.96 -29.21 2.36
CA GLN C 234 26.12 -29.28 1.46
C GLN C 234 25.82 -28.99 -0.01
N MET C 235 24.55 -28.96 -0.39
CA MET C 235 24.21 -28.78 -1.81
C MET C 235 24.22 -27.30 -2.16
N PRO C 236 24.36 -26.97 -3.46
CA PRO C 236 24.33 -25.55 -3.82
C PRO C 236 22.99 -24.91 -3.43
N THR C 237 23.04 -23.75 -2.78
CA THR C 237 21.85 -23.06 -2.31
CA THR C 237 21.83 -23.07 -2.38
C THR C 237 21.87 -21.60 -2.76
N MET C 238 20.70 -21.05 -3.03
CA MET C 238 20.55 -19.62 -3.31
C MET C 238 19.44 -19.09 -2.43
N THR C 239 19.65 -17.91 -1.85
CA THR C 239 18.56 -17.24 -1.15
C THR C 239 18.16 -16.00 -1.90
N LEU C 240 16.86 -15.72 -1.89
CA LEU C 240 16.36 -14.44 -2.39
C LEU C 240 15.58 -13.74 -1.29
N ALA C 241 15.63 -12.41 -1.30
CA ALA C 241 14.87 -11.60 -0.38
C ALA C 241 14.55 -10.25 -1.02
N GLY C 242 13.43 -9.66 -0.63
CA GLY C 242 13.10 -8.32 -1.09
C GLY C 242 13.84 -7.27 -0.28
N GLY C 243 14.34 -6.25 -0.96
CA GLY C 243 15.00 -5.13 -0.30
C GLY C 243 14.05 -3.98 -0.02
N GLY C 244 12.84 -4.08 -0.55
CA GLY C 244 11.84 -3.03 -0.38
C GLY C 244 10.97 -3.24 0.84
N HIS C 245 9.96 -2.40 0.99
CA HIS C 245 9.02 -2.52 2.10
C HIS C 245 8.46 -3.92 2.24
N GLY C 246 8.55 -4.49 3.43
CA GLY C 246 7.97 -5.79 3.71
C GLY C 246 8.90 -6.96 3.47
N GLY C 247 10.07 -6.69 2.91
CA GLY C 247 11.02 -7.75 2.59
C GLY C 247 11.96 -8.06 3.75
N MET C 248 12.66 -9.19 3.66
CA MET C 248 13.56 -9.65 4.72
CA MET C 248 13.55 -9.56 4.75
C MET C 248 14.97 -9.04 4.63
N GLY C 249 15.28 -8.41 3.51
CA GLY C 249 16.59 -7.79 3.33
C GLY C 249 17.73 -8.75 3.55
N THR C 250 18.77 -8.29 4.25
CA THR C 250 19.99 -9.09 4.39
C THR C 250 19.84 -10.29 5.32
N PHE C 251 18.73 -10.34 6.07
CA PHE C 251 18.54 -11.42 7.04
C PHE C 251 18.58 -12.78 6.37
N GLN C 252 17.95 -12.88 5.20
CA GLN C 252 17.76 -14.18 4.54
C GLN C 252 19.11 -14.86 4.32
N LEU C 253 20.01 -14.17 3.65
CA LEU C 253 21.35 -14.69 3.40
C LEU C 253 22.17 -14.88 4.69
N GLU C 254 22.14 -13.89 5.57
CA GLU C 254 22.93 -13.98 6.79
C GLU C 254 22.56 -15.21 7.63
N GLN C 255 21.27 -15.49 7.76
CA GLN C 255 20.84 -16.69 8.47
C GLN C 255 21.26 -17.96 7.72
N MET C 256 21.07 -17.94 6.41
CA MET C 256 21.34 -19.16 5.63
C MET C 256 22.82 -19.56 5.72
N LYS C 257 23.71 -18.59 5.87
CA LYS C 257 25.15 -18.87 5.98
C LYS C 257 25.44 -19.78 7.19
N ALA C 258 24.61 -19.72 8.21
CA ALA C 258 24.79 -20.59 9.36
C ALA C 258 24.28 -22.00 9.10
N TYR C 259 23.54 -22.17 8.00
CA TYR C 259 22.88 -23.43 7.68
C TYR C 259 23.47 -24.17 6.50
N ALA C 260 24.16 -23.45 5.62
CA ALA C 260 24.60 -24.00 4.34
C ALA C 260 26.06 -23.69 4.06
N GLU C 261 26.76 -24.64 3.44
CA GLU C 261 28.18 -24.45 3.12
C GLU C 261 28.35 -23.64 1.84
N ASP C 262 27.41 -23.81 0.92
CA ASP C 262 27.51 -23.25 -0.42
C ASP C 262 26.25 -22.41 -0.65
N VAL C 263 26.35 -21.10 -0.43
CA VAL C 263 25.18 -20.25 -0.55
C VAL C 263 25.48 -18.92 -1.24
N GLU C 264 24.66 -18.58 -2.22
CA GLU C 264 24.70 -17.26 -2.81
C GLU C 264 23.38 -16.57 -2.46
N GLY C 265 23.45 -15.28 -2.16
CA GLY C 265 22.25 -14.56 -1.76
C GLY C 265 22.01 -13.36 -2.65
N HIS C 266 20.74 -13.02 -2.85
CA HIS C 266 20.37 -11.81 -3.58
C HIS C 266 19.29 -11.07 -2.83
N VAL C 267 19.42 -9.75 -2.79
CA VAL C 267 18.37 -8.89 -2.24
C VAL C 267 17.83 -8.08 -3.41
N LEU C 268 16.53 -8.16 -3.65
CA LEU C 268 15.94 -7.52 -4.82
C LEU C 268 15.37 -6.17 -4.47
N PRO C 269 15.96 -5.10 -4.99
CA PRO C 269 15.53 -3.75 -4.63
C PRO C 269 14.13 -3.46 -5.18
N GLY C 270 13.35 -2.70 -4.44
CA GLY C 270 12.02 -2.31 -4.89
C GLY C 270 11.01 -3.45 -4.83
N CYS C 271 11.35 -4.51 -4.11
CA CYS C 271 10.48 -5.68 -4.00
C CYS C 271 10.32 -6.03 -2.53
N GLY C 272 9.10 -6.36 -2.13
CA GLY C 272 8.83 -6.76 -0.77
C GLY C 272 8.86 -8.27 -0.56
N HIS C 273 7.84 -8.78 0.13
CA HIS C 273 7.79 -10.19 0.51
C HIS C 273 7.39 -11.10 -0.65
N TRP C 274 6.54 -10.60 -1.54
CA TRP C 274 5.89 -11.45 -2.51
C TRP C 274 6.64 -11.47 -3.84
N LEU C 275 7.88 -11.98 -3.80
CA LEU C 275 8.79 -11.88 -4.95
C LEU C 275 8.21 -12.38 -6.28
N PRO C 276 7.57 -13.57 -6.31
CA PRO C 276 7.08 -14.07 -7.60
C PRO C 276 6.13 -13.12 -8.32
N GLU C 277 5.39 -12.31 -7.56
CA GLU C 277 4.40 -11.42 -8.16
C GLU C 277 4.88 -9.97 -8.26
N GLU C 278 5.54 -9.48 -7.21
CA GLU C 278 6.03 -8.10 -7.22
C GLU C 278 7.19 -7.91 -8.19
N CYS C 279 7.99 -8.95 -8.36
CA CYS C 279 9.22 -8.80 -9.13
C CYS C 279 9.49 -10.06 -9.93
N ALA C 280 8.51 -10.43 -10.74
CA ALA C 280 8.54 -11.64 -11.57
C ALA C 280 9.75 -11.75 -12.49
N ALA C 281 10.06 -10.68 -13.22
CA ALA C 281 11.18 -10.77 -14.16
C ALA C 281 12.53 -11.09 -13.50
N PRO C 282 12.94 -10.29 -12.50
CA PRO C 282 14.26 -10.63 -11.97
C PRO C 282 14.25 -11.87 -11.11
N MET C 283 13.14 -12.15 -10.42
CA MET C 283 13.10 -13.36 -9.59
C MET C 283 13.13 -14.60 -10.46
N ASN C 284 12.30 -14.62 -11.49
CA ASN C 284 12.26 -15.78 -12.39
C ASN C 284 13.61 -16.04 -13.04
N ARG C 285 14.29 -14.96 -13.42
CA ARG C 285 15.60 -15.07 -14.08
C ARG C 285 16.61 -15.68 -13.11
N LEU C 286 16.63 -15.17 -11.89
CA LEU C 286 17.58 -15.68 -10.90
C LEU C 286 17.34 -17.15 -10.61
N VAL C 287 16.08 -17.54 -10.51
CA VAL C 287 15.77 -18.94 -10.20
C VAL C 287 16.10 -19.86 -11.39
N ILE C 288 15.72 -19.45 -12.59
CA ILE C 288 16.00 -20.25 -13.78
C ILE C 288 17.49 -20.43 -13.99
N ASP C 289 18.26 -19.34 -13.89
CA ASP C 289 19.69 -19.41 -14.09
C ASP C 289 20.35 -20.32 -13.06
N PHE C 290 19.97 -20.17 -11.79
CA PHE C 290 20.57 -20.93 -10.70
C PHE C 290 20.35 -22.43 -10.86
N LEU C 291 19.12 -22.82 -11.21
CA LEU C 291 18.79 -24.22 -11.43
C LEU C 291 19.36 -24.78 -12.75
N SER C 292 19.57 -23.91 -13.73
CA SER C 292 20.09 -24.36 -15.02
C SER C 292 21.60 -24.59 -15.04
N ARG C 293 22.28 -24.21 -13.97
CA ARG C 293 23.72 -24.46 -13.84
C ARG C 293 24.04 -25.96 -13.89
N ALA D 1 -28.25 7.09 32.38
CA ALA D 1 -27.59 5.80 32.51
C ALA D 1 -26.08 5.95 32.72
N GLU D 2 -25.48 4.98 33.40
CA GLU D 2 -24.05 4.94 33.60
C GLU D 2 -23.53 3.61 33.09
N GLU D 3 -22.36 3.61 32.49
CA GLU D 3 -21.77 2.36 32.02
C GLU D 3 -21.29 1.49 33.18
N PHE D 4 -20.97 2.12 34.30
CA PHE D 4 -20.45 1.40 35.45
C PHE D 4 -21.08 1.94 36.73
N PRO D 5 -21.26 1.07 37.73
CA PRO D 5 -21.84 1.52 39.01
C PRO D 5 -20.91 2.47 39.75
N VAL D 6 -21.47 3.60 40.16
CA VAL D 6 -20.75 4.63 40.90
C VAL D 6 -20.76 4.32 42.41
N PRO D 7 -19.58 4.35 43.06
CA PRO D 7 -19.53 3.98 44.47
C PRO D 7 -20.30 4.99 45.32
N ASN D 8 -20.81 4.54 46.47
CA ASN D 8 -21.54 5.41 47.37
CA ASN D 8 -21.54 5.43 47.35
C ASN D 8 -20.73 6.65 47.73
N GLY D 9 -21.35 7.83 47.66
CA GLY D 9 -20.68 9.06 48.04
C GLY D 9 -19.93 9.75 46.92
N PHE D 10 -19.88 9.11 45.75
CA PHE D 10 -19.25 9.72 44.59
C PHE D 10 -20.31 10.25 43.62
N GLU D 11 -19.93 11.23 42.82
CA GLU D 11 -20.81 11.72 41.77
C GLU D 11 -20.18 11.46 40.40
N SER D 12 -21.05 11.21 39.43
CA SER D 12 -20.62 11.10 38.03
C SER D 12 -21.03 12.40 37.35
N ALA D 13 -20.08 13.05 36.70
CA ALA D 13 -20.35 14.35 36.09
C ALA D 13 -19.48 14.59 34.88
N TYR D 14 -19.59 15.77 34.30
CA TYR D 14 -18.89 16.10 33.06
C TYR D 14 -18.38 17.51 33.13
N ARG D 15 -17.24 17.76 32.49
CA ARG D 15 -16.75 19.12 32.30
C ARG D 15 -16.29 19.30 30.87
N GLU D 16 -16.54 20.49 30.33
CA GLU D 16 -15.97 20.86 29.05
C GLU D 16 -14.51 21.28 29.26
N VAL D 17 -13.61 20.68 28.48
CA VAL D 17 -12.22 21.10 28.48
C VAL D 17 -11.77 21.31 27.05
N ASP D 18 -11.42 22.55 26.69
CA ASP D 18 -11.06 22.87 25.31
C ASP D 18 -12.07 22.32 24.29
N GLY D 19 -13.35 22.44 24.59
CA GLY D 19 -14.39 22.04 23.64
C GLY D 19 -14.74 20.56 23.66
N VAL D 20 -14.13 19.83 24.58
CA VAL D 20 -14.33 18.39 24.67
C VAL D 20 -15.01 18.03 25.99
N LYS D 21 -16.09 17.26 25.93
CA LYS D 21 -16.86 16.94 27.13
C LYS D 21 -16.33 15.67 27.77
N LEU D 22 -15.62 15.84 28.88
CA LEU D 22 -14.99 14.74 29.60
C LEU D 22 -15.88 14.23 30.71
N HIS D 23 -15.98 12.91 30.83
CA HIS D 23 -16.69 12.32 31.94
C HIS D 23 -15.71 12.03 33.07
N TYR D 24 -16.17 12.17 34.33
CA TYR D 24 -15.36 11.75 35.46
C TYR D 24 -16.25 11.32 36.63
N VAL D 25 -15.65 10.61 37.58
CA VAL D 25 -16.31 10.27 38.81
C VAL D 25 -15.50 10.87 39.95
N LYS D 26 -16.19 11.58 40.85
CA LYS D 26 -15.52 12.42 41.83
C LYS D 26 -16.07 12.23 43.25
N GLY D 27 -15.17 12.19 44.22
CA GLY D 27 -15.57 12.11 45.62
C GLY D 27 -14.48 12.47 46.59
N GLY D 28 -14.84 12.70 47.85
CA GLY D 28 -13.85 12.90 48.88
C GLY D 28 -13.60 14.36 49.21
N GLN D 29 -12.72 14.59 50.17
CA GLN D 29 -12.36 15.95 50.55
C GLN D 29 -10.87 15.99 50.77
N GLY D 30 -10.28 17.16 50.55
CA GLY D 30 -8.86 17.39 50.74
C GLY D 30 -8.16 17.65 49.42
N PRO D 31 -6.83 17.59 49.42
CA PRO D 31 -6.03 17.77 48.19
C PRO D 31 -6.48 16.80 47.10
N LEU D 32 -6.30 17.20 45.85
CA LEU D 32 -6.79 16.42 44.73
C LEU D 32 -5.84 15.29 44.35
N VAL D 33 -6.41 14.11 44.08
CA VAL D 33 -5.69 13.03 43.39
C VAL D 33 -6.46 12.65 42.13
N MET D 34 -5.81 12.67 40.98
CA MET D 34 -6.43 12.23 39.75
C MET D 34 -5.92 10.83 39.41
N LEU D 35 -6.85 9.92 39.12
CA LEU D 35 -6.53 8.54 38.77
C LEU D 35 -6.87 8.34 37.30
N VAL D 36 -5.90 7.90 36.51
CA VAL D 36 -6.11 7.82 35.06
C VAL D 36 -5.96 6.38 34.56
N HIS D 37 -7.06 5.86 34.03
CA HIS D 37 -7.13 4.48 33.54
C HIS D 37 -6.45 4.28 32.21
N GLY D 38 -6.48 3.05 31.72
CA GLY D 38 -5.84 2.69 30.47
C GLY D 38 -6.72 1.93 29.48
N PHE D 39 -6.08 1.25 28.55
CA PHE D 39 -6.77 0.56 27.47
C PHE D 39 -7.70 -0.55 27.95
N GLY D 40 -8.84 -0.71 27.28
CA GLY D 40 -9.79 -1.75 27.59
C GLY D 40 -10.64 -1.47 28.80
N GLN D 41 -10.39 -0.32 29.44
CA GLN D 41 -11.03 -0.03 30.70
C GLN D 41 -11.48 1.43 30.73
N THR D 42 -11.94 1.87 31.90
CA THR D 42 -12.50 3.20 32.09
C THR D 42 -12.17 3.57 33.53
N TRP D 43 -12.76 4.66 34.00
CA TRP D 43 -12.56 5.12 35.37
C TRP D 43 -12.80 3.99 36.35
N TYR D 44 -13.69 3.06 35.98
CA TYR D 44 -14.17 2.03 36.88
C TYR D 44 -13.08 1.10 37.45
N GLU D 45 -11.94 0.98 36.75
CA GLU D 45 -10.87 0.13 37.28
C GLU D 45 -10.38 0.66 38.64
N TRP D 46 -10.66 1.94 38.90
CA TRP D 46 -10.25 2.53 40.17
C TRP D 46 -11.31 2.44 41.27
N HIS D 47 -12.43 1.76 41.01
CA HIS D 47 -13.57 1.88 41.91
C HIS D 47 -13.32 1.29 43.30
N GLN D 48 -12.34 0.39 43.43
CA GLN D 48 -12.03 -0.15 44.74
C GLN D 48 -11.07 0.73 45.54
N LEU D 49 -10.21 1.45 44.83
CA LEU D 49 -9.26 2.37 45.46
C LEU D 49 -9.95 3.66 45.89
N MET D 50 -10.89 4.11 45.07
CA MET D 50 -11.53 5.41 45.29
C MET D 50 -12.11 5.69 46.69
N PRO D 51 -12.94 4.77 47.23
CA PRO D 51 -13.52 5.06 48.55
C PRO D 51 -12.47 5.19 49.65
N GLU D 52 -11.41 4.38 49.60
CA GLU D 52 -10.39 4.42 50.63
C GLU D 52 -9.58 5.71 50.51
N LEU D 53 -9.21 6.05 49.28
CA LEU D 53 -8.42 7.25 49.04
C LEU D 53 -9.23 8.49 49.38
N ALA D 54 -10.55 8.40 49.16
CA ALA D 54 -11.46 9.53 49.42
C ALA D 54 -11.60 9.89 50.90
N LYS D 55 -11.04 9.05 51.77
CA LYS D 55 -11.02 9.36 53.20
C LYS D 55 -10.05 10.49 53.52
N ARG D 56 -9.09 10.70 52.63
CA ARG D 56 -7.98 11.63 52.86
C ARG D 56 -7.80 12.65 51.75
N PHE D 57 -8.37 12.36 50.58
CA PHE D 57 -8.18 13.23 49.42
C PHE D 57 -9.47 13.47 48.67
N THR D 58 -9.50 14.54 47.87
CA THR D 58 -10.51 14.64 46.84
C THR D 58 -10.01 13.79 45.69
N VAL D 59 -10.84 12.87 45.23
CA VAL D 59 -10.42 11.91 44.22
C VAL D 59 -11.22 12.13 42.95
N ILE D 60 -10.53 12.26 41.83
CA ILE D 60 -11.20 12.34 40.53
C ILE D 60 -10.65 11.26 39.58
N ALA D 61 -11.57 10.57 38.90
CA ALA D 61 -11.18 9.51 37.96
C ALA D 61 -11.88 9.77 36.62
N PRO D 62 -11.15 10.36 35.66
CA PRO D 62 -11.81 10.69 34.39
C PRO D 62 -11.78 9.54 33.41
N ASP D 63 -12.68 9.57 32.44
CA ASP D 63 -12.56 8.67 31.28
C ASP D 63 -11.67 9.35 30.25
N LEU D 64 -10.70 8.61 29.71
CA LEU D 64 -9.81 9.15 28.67
C LEU D 64 -10.65 9.58 27.49
N PRO D 65 -10.21 10.64 26.77
CA PRO D 65 -10.96 11.12 25.60
C PRO D 65 -11.33 9.99 24.64
N GLY D 66 -12.61 9.91 24.29
CA GLY D 66 -13.08 8.89 23.35
C GLY D 66 -13.48 7.58 24.00
N LEU D 67 -13.00 7.35 25.23
CA LEU D 67 -13.29 6.10 25.95
C LEU D 67 -14.26 6.36 27.09
N GLY D 68 -14.84 5.31 27.65
CA GLY D 68 -15.90 5.46 28.64
C GLY D 68 -16.97 6.41 28.12
N GLN D 69 -17.33 7.39 28.93
CA GLN D 69 -18.35 8.36 28.52
C GLN D 69 -17.77 9.72 28.14
N SER D 70 -16.48 9.76 27.80
CA SER D 70 -15.80 10.98 27.38
C SER D 70 -15.80 11.15 25.87
N GLU D 71 -16.02 12.40 25.43
CA GLU D 71 -16.00 12.74 24.02
C GLU D 71 -14.58 12.52 23.49
N PRO D 72 -14.48 12.12 22.22
CA PRO D 72 -13.16 12.04 21.57
C PRO D 72 -12.43 13.39 21.59
N PRO D 73 -11.10 13.37 21.59
CA PRO D 73 -10.34 14.63 21.59
C PRO D 73 -10.56 15.33 20.26
N LYS D 74 -10.45 16.66 20.25
CA LYS D 74 -10.61 17.44 19.02
C LYS D 74 -9.27 17.81 18.39
N THR D 75 -8.20 17.62 19.13
CA THR D 75 -6.86 17.86 18.61
C THR D 75 -6.26 16.56 18.05
N GLY D 76 -6.00 15.60 18.92
CA GLY D 76 -5.48 14.32 18.47
C GLY D 76 -5.24 13.37 19.62
N TYR D 77 -4.69 12.20 19.31
CA TYR D 77 -4.53 11.15 20.30
C TYR D 77 -3.09 10.92 20.74
N SER D 78 -2.17 11.79 20.33
CA SER D 78 -0.79 11.67 20.81
C SER D 78 -0.75 12.07 22.29
N GLY D 79 0.28 11.64 22.99
CA GLY D 79 0.38 11.90 24.43
C GLY D 79 0.31 13.36 24.80
N GLU D 80 1.01 14.20 24.05
CA GLU D 80 1.05 15.63 24.38
C GLU D 80 -0.30 16.30 24.19
N GLN D 81 -1.03 15.87 23.16
CA GLN D 81 -2.38 16.40 22.93
C GLN D 81 -3.36 15.94 23.99
N VAL D 82 -3.35 14.65 24.31
CA VAL D 82 -4.33 14.14 25.26
C VAL D 82 -4.05 14.70 26.66
N ALA D 83 -2.77 14.87 26.99
CA ALA D 83 -2.36 15.28 28.32
C ALA D 83 -2.85 16.69 28.64
N VAL D 84 -2.98 17.53 27.62
CA VAL D 84 -3.58 18.86 27.81
C VAL D 84 -4.96 18.73 28.44
N TYR D 85 -5.80 17.84 27.90
CA TYR D 85 -7.15 17.66 28.45
C TYR D 85 -7.14 17.26 29.93
N LEU D 86 -6.30 16.30 30.27
CA LEU D 86 -6.24 15.81 31.65
C LEU D 86 -5.67 16.86 32.59
N HIS D 87 -4.60 17.53 32.15
CA HIS D 87 -4.01 18.60 32.95
C HIS D 87 -5.03 19.70 33.25
N LYS D 88 -5.74 20.15 32.22
CA LYS D 88 -6.69 21.25 32.40
C LYS D 88 -7.90 20.83 33.23
N LEU D 89 -8.33 19.57 33.08
CA LEU D 89 -9.40 19.04 33.93
C LEU D 89 -8.99 19.09 35.39
N ALA D 90 -7.80 18.58 35.67
CA ALA D 90 -7.33 18.57 37.06
C ALA D 90 -7.23 19.97 37.61
N ARG D 91 -6.75 20.91 36.80
CA ARG D 91 -6.61 22.29 37.26
C ARG D 91 -7.93 22.98 37.57
N GLN D 92 -9.00 22.58 36.89
CA GLN D 92 -10.34 23.11 37.22
C GLN D 92 -10.65 22.81 38.67
N PHE D 93 -10.21 21.66 39.15
CA PHE D 93 -10.55 21.24 40.50
C PHE D 93 -9.48 21.56 41.54
N SER D 94 -8.27 21.81 41.07
CA SER D 94 -7.17 22.16 41.96
C SER D 94 -6.36 23.33 41.41
N PRO D 95 -6.99 24.50 41.26
CA PRO D 95 -6.33 25.63 40.61
C PRO D 95 -5.20 26.26 41.42
N ASP D 96 -5.24 26.11 42.75
CA ASP D 96 -4.31 26.85 43.62
C ASP D 96 -3.27 25.98 44.32
N ARG D 97 -3.28 24.68 44.01
CA ARG D 97 -2.41 23.75 44.74
C ARG D 97 -2.01 22.63 43.78
N PRO D 98 -0.81 22.07 43.97
CA PRO D 98 -0.48 20.92 43.10
C PRO D 98 -1.36 19.72 43.44
N PHE D 99 -1.49 18.79 42.51
CA PHE D 99 -2.31 17.62 42.73
C PHE D 99 -1.47 16.36 42.55
N ASP D 100 -1.99 15.23 43.01
CA ASP D 100 -1.30 13.96 42.83
C ASP D 100 -1.83 13.28 41.59
N LEU D 101 -0.98 12.49 40.96
CA LEU D 101 -1.39 11.78 39.77
C LEU D 101 -1.05 10.31 39.91
N VAL D 102 -2.04 9.46 39.67
CA VAL D 102 -1.83 8.02 39.63
C VAL D 102 -2.30 7.55 38.27
N ALA D 103 -1.46 6.84 37.53
CA ALA D 103 -1.85 6.39 36.20
C ALA D 103 -1.44 4.94 35.94
N HIS D 104 -2.28 4.24 35.20
CA HIS D 104 -2.08 2.83 34.85
C HIS D 104 -2.15 2.68 33.33
N ASP D 105 -1.30 1.81 32.76
CA ASP D 105 -1.44 1.42 31.35
C ASP D 105 -1.30 2.69 30.48
N ILE D 106 -2.15 2.88 29.47
CA ILE D 106 -1.94 4.04 28.59
C ILE D 106 -2.27 5.38 29.27
N GLY D 107 -2.80 5.32 30.49
CA GLY D 107 -2.91 6.54 31.29
C GLY D 107 -1.54 7.19 31.50
N ILE D 108 -0.50 6.36 31.52
CA ILE D 108 0.86 6.87 31.55
C ILE D 108 1.19 7.64 30.26
N TRP D 109 0.86 7.05 29.12
CA TRP D 109 1.14 7.69 27.84
C TRP D 109 0.48 9.05 27.76
N ASN D 110 -0.73 9.11 28.30
CA ASN D 110 -1.56 10.30 28.19
C ASN D 110 -1.39 11.29 29.32
N THR D 111 -0.45 11.04 30.23
CA THR D 111 -0.19 11.99 31.29
C THR D 111 1.25 12.44 31.37
N TYR D 112 2.19 11.60 30.96
CA TYR D 112 3.61 11.96 31.06
C TYR D 112 3.96 13.38 30.54
N PRO D 113 3.48 13.76 29.34
CA PRO D 113 3.88 15.10 28.88
C PRO D 113 3.38 16.25 29.76
N MET D 114 2.18 16.15 30.32
CA MET D 114 1.72 17.27 31.15
C MET D 114 2.43 17.27 32.52
N VAL D 115 2.90 16.10 32.95
CA VAL D 115 3.68 16.03 34.19
C VAL D 115 5.04 16.68 34.03
N VAL D 116 5.74 16.31 32.96
CA VAL D 116 7.08 16.87 32.71
C VAL D 116 7.01 18.38 32.40
N LYS D 117 5.92 18.83 31.80
CA LYS D 117 5.82 20.22 31.39
C LYS D 117 5.25 21.13 32.47
N ASN D 118 4.57 20.54 33.47
CA ASN D 118 3.97 21.32 34.55
C ASN D 118 4.32 20.74 35.90
N GLN D 119 5.63 20.59 36.15
CA GLN D 119 6.08 19.88 37.34
C GLN D 119 5.62 20.54 38.65
N ALA D 120 5.47 21.86 38.65
CA ALA D 120 5.02 22.56 39.86
C ALA D 120 3.56 22.25 40.16
N ASP D 121 2.85 21.63 39.21
CA ASP D 121 1.44 21.29 39.41
C ASP D 121 1.28 19.86 39.97
N ILE D 122 2.36 19.09 40.01
CA ILE D 122 2.25 17.68 40.40
C ILE D 122 3.01 17.42 41.70
N ALA D 123 2.27 17.16 42.78
CA ALA D 123 2.91 16.99 44.08
C ALA D 123 3.62 15.63 44.13
N ARG D 124 2.87 14.57 43.84
CA ARG D 124 3.41 13.23 43.83
C ARG D 124 2.88 12.41 42.67
N LEU D 125 3.69 11.49 42.21
CA LEU D 125 3.38 10.74 40.99
C LEU D 125 3.45 9.24 41.24
N VAL D 126 2.41 8.51 40.82
CA VAL D 126 2.46 7.05 40.85
C VAL D 126 2.16 6.52 39.46
N TYR D 127 3.07 5.71 38.92
CA TYR D 127 2.88 5.13 37.59
C TYR D 127 2.92 3.62 37.72
N MET D 128 2.00 2.91 37.07
CA MET D 128 2.00 1.45 37.14
C MET D 128 1.74 0.75 35.80
N GLU D 129 2.53 -0.26 35.49
CA GLU D 129 2.26 -1.18 34.37
C GLU D 129 2.02 -0.52 33.02
N ALA D 130 3.03 0.20 32.54
CA ALA D 130 3.15 0.60 31.14
C ALA D 130 4.44 1.35 30.94
N PRO D 131 5.08 1.13 29.79
CA PRO D 131 6.27 1.93 29.51
C PRO D 131 5.85 3.34 29.19
N ILE D 132 6.63 4.32 29.64
CA ILE D 132 6.53 5.64 29.05
C ILE D 132 6.95 5.42 27.59
N PRO D 133 6.20 5.98 26.63
CA PRO D 133 6.58 5.67 25.25
C PRO D 133 7.95 6.27 24.91
N ASP D 134 8.91 5.39 24.64
CA ASP D 134 10.24 5.80 24.16
C ASP D 134 10.81 4.65 23.36
N ALA D 135 12.09 4.74 23.02
CA ALA D 135 12.71 3.76 22.11
C ALA D 135 12.77 2.36 22.70
N ARG D 136 12.61 2.26 24.01
CA ARG D 136 12.62 0.94 24.66
C ARG D 136 11.55 0.02 24.11
N ILE D 137 10.42 0.57 23.67
CA ILE D 137 9.30 -0.27 23.25
C ILE D 137 9.60 -1.00 21.93
N TYR D 138 10.59 -0.53 21.21
CA TYR D 138 10.98 -1.14 19.93
C TYR D 138 11.85 -2.38 20.14
N ARG D 139 12.17 -2.66 21.39
CA ARG D 139 12.95 -3.83 21.75
C ARG D 139 12.12 -5.05 22.11
N PHE D 140 10.87 -4.84 22.50
CA PHE D 140 10.00 -5.94 22.91
C PHE D 140 9.82 -6.90 21.73
N PRO D 141 10.03 -8.20 21.97
CA PRO D 141 9.91 -9.18 20.87
C PRO D 141 8.48 -9.46 20.39
N ALA D 142 8.37 -9.70 19.09
CA ALA D 142 7.10 -10.03 18.46
C ALA D 142 6.56 -11.39 18.89
N PHE D 143 7.46 -12.31 19.18
CA PHE D 143 7.09 -13.72 19.40
C PHE D 143 8.05 -14.35 20.41
N THR D 144 7.56 -15.32 21.19
CA THR D 144 8.37 -15.90 22.25
C THR D 144 8.44 -17.42 22.14
N ALA D 145 9.43 -17.99 22.82
CA ALA D 145 9.56 -19.44 22.90
C ALA D 145 8.39 -20.10 23.62
N GLN D 146 7.58 -19.30 24.31
CA GLN D 146 6.38 -19.82 24.94
C GLN D 146 5.12 -19.51 24.13
N GLY D 147 5.30 -18.90 22.97
CA GLY D 147 4.19 -18.57 22.10
C GLY D 147 3.86 -17.09 22.05
N GLU D 148 2.57 -16.80 22.04
CA GLU D 148 2.04 -15.45 21.91
C GLU D 148 2.72 -14.49 22.88
N SER D 149 3.30 -13.41 22.36
CA SER D 149 3.95 -12.40 23.21
C SER D 149 2.94 -11.47 23.86
N LEU D 150 3.42 -10.63 24.76
CA LEU D 150 2.56 -9.74 25.50
C LEU D 150 2.40 -8.40 24.80
N VAL D 151 3.13 -8.22 23.70
CA VAL D 151 3.25 -6.91 23.07
C VAL D 151 2.89 -6.88 21.57
N TRP D 152 2.49 -8.01 20.98
CA TRP D 152 2.26 -8.03 19.52
C TRP D 152 1.14 -7.09 19.10
N HIS D 153 0.24 -6.79 20.04
CA HIS D 153 -0.91 -5.94 19.76
C HIS D 153 -0.56 -4.48 19.50
N PHE D 154 0.65 -4.04 19.88
CA PHE D 154 1.08 -2.68 19.51
C PHE D 154 0.97 -2.51 18.00
N SER D 155 1.45 -3.49 17.24
CA SER D 155 1.36 -3.42 15.78
C SER D 155 -0.06 -3.63 15.25
N PHE D 156 -0.77 -4.60 15.82
CA PHE D 156 -2.15 -4.89 15.41
C PHE D 156 -2.98 -3.60 15.51
N PHE D 157 -2.89 -2.93 16.65
CA PHE D 157 -3.69 -1.74 16.90
C PHE D 157 -3.20 -0.55 16.09
N ALA D 158 -1.90 -0.47 15.84
CA ALA D 158 -1.35 0.68 15.12
C ALA D 158 -1.57 0.60 13.60
N ALA D 159 -1.90 -0.60 13.12
CA ALA D 159 -2.04 -0.83 11.68
C ALA D 159 -3.13 0.05 11.09
N ASP D 160 -2.95 0.43 9.82
CA ASP D 160 -3.95 1.23 9.12
C ASP D 160 -5.09 0.34 8.60
N ASP D 161 -5.86 0.85 7.64
CA ASP D 161 -7.03 0.15 7.08
C ASP D 161 -8.07 -0.14 8.15
N ARG D 162 -8.00 0.58 9.28
CA ARG D 162 -8.81 0.23 10.47
C ARG D 162 -8.80 -1.28 10.69
N LEU D 163 -7.62 -1.88 10.64
CA LEU D 163 -7.49 -3.32 10.78
C LEU D 163 -8.14 -3.84 12.06
N ALA D 164 -7.79 -3.19 13.16
CA ALA D 164 -8.28 -3.64 14.46
C ALA D 164 -9.79 -3.46 14.62
N GLU D 165 -10.34 -2.30 14.26
CA GLU D 165 -11.79 -2.10 14.37
C GLU D 165 -12.55 -3.10 13.53
N THR D 166 -12.04 -3.35 12.33
CA THR D 166 -12.76 -4.20 11.39
C THR D 166 -12.81 -5.65 11.86
N LEU D 167 -11.69 -6.14 12.41
CA LEU D 167 -11.61 -7.50 12.91
C LEU D 167 -12.31 -7.70 14.25
N ILE D 168 -12.29 -6.67 15.10
CA ILE D 168 -12.80 -6.83 16.46
C ILE D 168 -14.30 -6.53 16.58
N ALA D 169 -14.82 -5.68 15.68
CA ALA D 169 -16.23 -5.33 15.74
C ALA D 169 -17.09 -6.60 15.62
N GLY D 170 -18.07 -6.73 16.51
CA GLY D 170 -18.87 -7.93 16.56
C GLY D 170 -18.24 -8.99 17.45
N LYS D 171 -16.98 -8.82 17.81
CA LYS D 171 -16.30 -9.77 18.70
C LYS D 171 -15.59 -9.05 19.83
N GLU D 172 -16.16 -7.93 20.27
CA GLU D 172 -15.48 -7.08 21.22
C GLU D 172 -15.26 -7.76 22.56
N ARG D 173 -16.28 -8.48 23.01
CA ARG D 173 -16.23 -9.17 24.30
C ARG D 173 -15.23 -10.30 24.24
N PHE D 174 -15.26 -11.05 23.15
CA PHE D 174 -14.34 -12.17 22.96
C PHE D 174 -12.88 -11.69 22.97
N PHE D 175 -12.61 -10.66 22.19
CA PHE D 175 -11.24 -10.17 22.11
C PHE D 175 -10.75 -9.62 23.45
N LEU D 176 -11.60 -8.87 24.14
CA LEU D 176 -11.18 -8.23 25.38
C LEU D 176 -10.88 -9.26 26.44
N GLU D 177 -11.69 -10.31 26.50
CA GLU D 177 -11.40 -11.38 27.44
C GLU D 177 -10.03 -11.97 27.15
N HIS D 178 -9.72 -12.21 25.88
CA HIS D 178 -8.42 -12.76 25.55
C HIS D 178 -7.31 -11.81 25.93
N PHE D 179 -7.48 -10.54 25.57
CA PHE D 179 -6.46 -9.53 25.83
C PHE D 179 -6.19 -9.36 27.32
N ILE D 180 -7.27 -9.23 28.10
CA ILE D 180 -7.14 -9.04 29.53
C ILE D 180 -6.55 -10.27 30.22
N LYS D 181 -7.16 -11.44 30.01
CA LYS D 181 -6.66 -12.63 30.69
C LYS D 181 -5.24 -13.02 30.27
N SER D 182 -4.87 -12.78 29.01
CA SER D 182 -3.52 -13.13 28.59
C SER D 182 -2.45 -12.24 29.23
N HIS D 183 -2.86 -11.10 29.78
CA HIS D 183 -1.95 -10.23 30.48
C HIS D 183 -2.16 -10.30 31.99
N ALA D 184 -2.95 -11.28 32.44
CA ALA D 184 -3.27 -11.45 33.87
C ALA D 184 -2.56 -12.62 34.53
N SER D 185 -2.32 -12.51 35.84
CA SER D 185 -1.95 -13.66 36.66
C SER D 185 -3.21 -14.20 37.31
N ASN D 186 -3.99 -13.29 37.87
CA ASN D 186 -5.20 -13.66 38.56
C ASN D 186 -6.38 -13.45 37.65
N THR D 187 -6.70 -14.45 36.82
CA THR D 187 -7.76 -14.27 35.84
C THR D 187 -9.15 -14.28 36.48
N GLU D 188 -9.24 -14.84 37.68
CA GLU D 188 -10.52 -15.05 38.34
C GLU D 188 -11.19 -13.75 38.78
N VAL D 189 -10.39 -12.69 38.94
CA VAL D 189 -10.97 -11.41 39.32
C VAL D 189 -11.80 -10.84 38.17
N PHE D 190 -11.55 -11.34 36.96
CA PHE D 190 -12.31 -10.90 35.80
C PHE D 190 -13.50 -11.80 35.53
N SER D 191 -14.54 -11.57 36.32
CA SER D 191 -15.81 -12.26 36.20
C SER D 191 -16.39 -12.00 34.83
N GLU D 192 -17.27 -12.90 34.37
CA GLU D 192 -17.91 -12.68 33.08
C GLU D 192 -18.69 -11.36 33.09
N ARG D 193 -19.25 -11.02 34.25
CA ARG D 193 -19.94 -9.75 34.42
C ARG D 193 -19.04 -8.54 34.22
N LEU D 194 -17.88 -8.54 34.87
CA LEU D 194 -16.97 -7.40 34.76
C LEU D 194 -16.51 -7.24 33.31
N LEU D 195 -16.21 -8.36 32.67
CA LEU D 195 -15.80 -8.34 31.26
C LEU D 195 -16.91 -7.80 30.38
N ASP D 196 -18.15 -8.15 30.70
CA ASP D 196 -19.30 -7.66 29.93
C ASP D 196 -19.37 -6.14 29.99
N LEU D 197 -19.16 -5.57 31.18
CA LEU D 197 -19.26 -4.11 31.34
C LEU D 197 -18.17 -3.38 30.55
N TYR D 198 -16.93 -3.86 30.64
CA TYR D 198 -15.84 -3.22 29.92
C TYR D 198 -16.03 -3.37 28.41
N ALA D 199 -16.46 -4.55 27.97
CA ALA D 199 -16.66 -4.78 26.54
C ALA D 199 -17.76 -3.89 25.95
N ARG D 200 -18.87 -3.72 26.68
CA ARG D 200 -19.95 -2.88 26.16
C ARG D 200 -19.47 -1.46 25.96
N SER D 201 -18.62 -0.99 26.88
CA SER D 201 -18.12 0.38 26.78
C SER D 201 -17.19 0.56 25.58
N TYR D 202 -16.19 -0.31 25.43
CA TYR D 202 -15.23 -0.05 24.36
C TYR D 202 -15.78 -0.46 22.98
N ALA D 203 -16.92 -1.16 22.99
CA ALA D 203 -17.59 -1.56 21.75
C ALA D 203 -18.35 -0.41 21.07
N LYS D 204 -18.64 0.67 21.78
CA LYS D 204 -19.23 1.84 21.12
C LYS D 204 -18.30 2.16 19.96
N PRO D 205 -18.86 2.40 18.76
CA PRO D 205 -18.02 2.61 17.58
C PRO D 205 -16.95 3.69 17.78
N HIS D 206 -17.31 4.84 18.35
CA HIS D 206 -16.29 5.88 18.55
C HIS D 206 -15.24 5.48 19.58
N SER D 207 -15.62 4.63 20.52
CA SER D 207 -14.71 4.19 21.55
C SER D 207 -13.79 3.08 21.07
N LEU D 208 -14.32 2.19 20.23
CA LEU D 208 -13.49 1.16 19.62
C LEU D 208 -12.38 1.81 18.80
N ASN D 209 -12.75 2.79 17.98
CA ASN D 209 -11.76 3.52 17.19
C ASN D 209 -10.80 4.34 18.08
N ALA D 210 -11.34 5.02 19.09
CA ALA D 210 -10.49 5.82 19.97
C ALA D 210 -9.40 4.93 20.56
N SER D 211 -9.81 3.74 21.01
CA SER D 211 -8.89 2.77 21.59
C SER D 211 -7.64 2.56 20.73
N PHE D 212 -7.84 2.45 19.43
CA PHE D 212 -6.72 2.13 18.56
C PHE D 212 -5.99 3.37 18.06
N GLU D 213 -6.69 4.51 18.04
CA GLU D 213 -6.03 5.76 17.67
C GLU D 213 -4.92 6.12 18.66
N TYR D 214 -5.07 5.73 19.92
CA TYR D 214 -3.96 5.89 20.86
C TYR D 214 -2.68 5.22 20.35
N TYR D 215 -2.85 4.08 19.70
CA TYR D 215 -1.72 3.35 19.15
C TYR D 215 -1.25 3.91 17.82
N ARG D 216 -2.19 4.42 17.04
CA ARG D 216 -1.83 5.00 15.75
C ARG D 216 -1.01 6.28 15.92
N ALA D 217 -1.09 6.87 17.12
CA ALA D 217 -0.27 8.02 17.48
C ALA D 217 0.93 7.65 18.34
N LEU D 218 1.17 6.36 18.60
CA LEU D 218 2.24 5.97 19.53
C LEU D 218 3.66 6.38 19.09
N ASN D 219 3.95 6.21 17.81
CA ASN D 219 5.27 6.61 17.33
C ASN D 219 5.45 8.12 17.46
N GLU D 220 4.37 8.87 17.24
CA GLU D 220 4.43 10.32 17.41
C GLU D 220 4.67 10.66 18.89
N SER D 221 4.01 9.92 19.78
CA SER D 221 4.24 10.10 21.22
C SER D 221 5.70 9.83 21.61
N VAL D 222 6.27 8.75 21.06
CA VAL D 222 7.69 8.45 21.25
C VAL D 222 8.55 9.63 20.80
N ARG D 223 8.26 10.16 19.62
CA ARG D 223 9.04 11.30 19.13
C ARG D 223 8.89 12.53 20.05
N GLN D 224 7.65 12.81 20.46
CA GLN D 224 7.38 13.89 21.42
C GLN D 224 8.19 13.71 22.71
N ASN D 225 8.17 12.50 23.25
CA ASN D 225 8.82 12.23 24.52
C ASN D 225 10.34 12.32 24.46
N ALA D 226 10.90 12.04 23.29
CA ALA D 226 12.35 12.19 23.12
C ALA D 226 12.79 13.62 23.42
N GLU D 227 11.99 14.59 23.02
CA GLU D 227 12.31 15.98 23.34
C GLU D 227 11.95 16.33 24.78
N LEU D 228 10.77 15.90 25.23
CA LEU D 228 10.33 16.20 26.58
C LEU D 228 11.28 15.64 27.65
N ALA D 229 11.84 14.47 27.39
CA ALA D 229 12.65 13.76 28.37
C ALA D 229 13.97 14.44 28.66
N LYS D 230 14.31 15.48 27.90
CA LYS D 230 15.50 16.26 28.20
C LYS D 230 15.41 16.87 29.60
N THR D 231 14.19 16.99 30.12
CA THR D 231 13.95 17.50 31.46
C THR D 231 13.52 16.39 32.43
N ARG D 232 14.36 16.11 33.43
CA ARG D 232 14.08 15.08 34.41
C ARG D 232 12.90 15.45 35.29
N LEU D 233 12.13 14.45 35.73
CA LEU D 233 11.04 14.66 36.69
C LEU D 233 11.60 14.81 38.09
N GLN D 234 11.13 15.83 38.82
CA GLN D 234 11.69 16.14 40.11
C GLN D 234 10.79 15.80 41.31
N MET D 235 9.51 15.52 41.06
CA MET D 235 8.59 15.20 42.15
C MET D 235 8.79 13.77 42.66
N PRO D 236 8.44 13.52 43.94
CA PRO D 236 8.44 12.15 44.48
C PRO D 236 7.58 11.23 43.61
N THR D 237 8.18 10.12 43.19
CA THR D 237 7.53 9.20 42.27
C THR D 237 7.60 7.79 42.83
N MET D 238 6.54 7.01 42.60
CA MET D 238 6.57 5.60 42.93
C MET D 238 6.10 4.85 41.71
N THR D 239 6.78 3.76 41.40
CA THR D 239 6.32 2.85 40.35
C THR D 239 5.84 1.54 40.98
N LEU D 240 4.85 0.94 40.33
CA LEU D 240 4.36 -0.39 40.70
C LEU D 240 4.32 -1.26 39.46
N ALA D 241 4.66 -2.53 39.61
CA ALA D 241 4.59 -3.45 38.48
C ALA D 241 4.22 -4.82 39.00
N GLY D 242 3.63 -5.63 38.13
CA GLY D 242 3.31 -7.01 38.48
C GLY D 242 4.53 -7.89 38.31
N GLY D 243 4.75 -8.81 39.26
CA GLY D 243 5.82 -9.78 39.13
C GLY D 243 5.38 -11.12 38.59
N GLY D 244 4.09 -11.29 38.43
CA GLY D 244 3.54 -12.53 37.91
C GLY D 244 3.40 -12.50 36.39
N HIS D 245 2.78 -13.54 35.84
CA HIS D 245 2.52 -13.62 34.42
C HIS D 245 1.77 -12.40 33.92
N GLY D 246 2.26 -11.80 32.83
CA GLY D 246 1.63 -10.62 32.27
C GLY D 246 2.16 -9.29 32.76
N GLY D 247 2.91 -9.33 33.86
CA GLY D 247 3.43 -8.12 34.49
C GLY D 247 4.73 -7.66 33.86
N MET D 248 5.11 -6.42 34.15
CA MET D 248 6.30 -5.80 33.58
C MET D 248 7.56 -6.00 34.43
N GLY D 249 7.37 -6.44 35.67
CA GLY D 249 8.50 -6.76 36.52
C GLY D 249 9.40 -5.56 36.74
N THR D 250 10.71 -5.78 36.67
CA THR D 250 11.68 -4.73 36.98
C THR D 250 11.71 -3.58 35.95
N PHE D 251 11.08 -3.77 34.78
CA PHE D 251 11.14 -2.75 33.72
C PHE D 251 10.59 -1.42 34.18
N GLN D 252 9.47 -1.46 34.91
CA GLN D 252 8.79 -0.22 35.29
C GLN D 252 9.75 0.71 36.05
N LEU D 253 10.38 0.17 37.09
CA LEU D 253 11.26 0.98 37.92
C LEU D 253 12.54 1.33 37.17
N GLU D 254 13.08 0.37 36.43
CA GLU D 254 14.32 0.62 35.72
C GLU D 254 14.16 1.70 34.64
N GLN D 255 13.03 1.70 33.94
CA GLN D 255 12.78 2.78 32.99
C GLN D 255 12.63 4.12 33.73
N MET D 256 11.86 4.12 34.80
CA MET D 256 11.54 5.37 35.49
C MET D 256 12.80 6.02 36.08
N LYS D 257 13.78 5.19 36.46
CA LYS D 257 15.04 5.70 36.98
C LYS D 257 15.72 6.61 35.95
N ALA D 258 15.45 6.39 34.68
CA ALA D 258 16.02 7.24 33.63
C ALA D 258 15.25 8.55 33.51
N TYR D 259 14.03 8.60 34.05
CA TYR D 259 13.18 9.78 33.87
C TYR D 259 13.07 10.63 35.13
N ALA D 260 13.27 10.01 36.28
CA ALA D 260 12.94 10.63 37.56
C ALA D 260 14.11 10.64 38.53
N GLU D 261 14.28 11.76 39.23
CA GLU D 261 15.36 11.89 40.20
C GLU D 261 15.01 11.19 41.53
N ASP D 262 13.73 11.16 41.87
CA ASP D 262 13.28 10.68 43.18
C ASP D 262 12.20 9.61 43.01
N VAL D 263 12.63 8.36 42.84
CA VAL D 263 11.69 7.28 42.56
C VAL D 263 11.95 6.07 43.43
N GLU D 264 10.87 5.46 43.91
CA GLU D 264 10.94 4.18 44.58
C GLU D 264 10.01 3.25 43.81
N GLY D 265 10.31 1.95 43.77
CA GLY D 265 9.46 1.05 43.04
C GLY D 265 9.16 -0.21 43.82
N HIS D 266 8.08 -0.88 43.43
CA HIS D 266 7.76 -2.19 43.98
C HIS D 266 7.32 -3.10 42.86
N VAL D 267 7.69 -4.38 42.98
CA VAL D 267 7.17 -5.42 42.11
C VAL D 267 6.34 -6.37 42.97
N LEU D 268 5.10 -6.62 42.53
CA LEU D 268 4.13 -7.36 43.33
C LEU D 268 4.05 -8.80 42.83
N PRO D 269 4.63 -9.73 43.57
CA PRO D 269 4.62 -11.15 43.19
C PRO D 269 3.18 -11.66 43.17
N GLY D 270 2.87 -12.56 42.24
CA GLY D 270 1.52 -13.10 42.18
C GLY D 270 0.53 -12.19 41.49
N CYS D 271 1.03 -11.11 40.88
CA CYS D 271 0.16 -10.17 40.16
C CYS D 271 0.64 -9.93 38.73
N GLY D 272 -0.31 -9.81 37.79
CA GLY D 272 0.03 -9.51 36.42
C GLY D 272 -0.10 -8.03 36.11
N HIS D 273 -0.61 -7.73 34.91
CA HIS D 273 -0.68 -6.35 34.41
C HIS D 273 -1.77 -5.46 35.06
N TRP D 274 -2.87 -6.08 35.49
CA TRP D 274 -4.06 -5.31 35.86
C TRP D 274 -4.09 -5.11 37.37
N LEU D 275 -3.08 -4.41 37.87
CA LEU D 275 -2.87 -4.29 39.31
C LEU D 275 -4.12 -3.93 40.12
N PRO D 276 -4.86 -2.87 39.72
CA PRO D 276 -6.00 -2.45 40.57
C PRO D 276 -7.03 -3.55 40.79
N GLU D 277 -7.18 -4.45 39.84
CA GLU D 277 -8.14 -5.55 39.99
C GLU D 277 -7.49 -6.87 40.46
N GLU D 278 -6.33 -7.20 39.94
CA GLU D 278 -5.69 -8.46 40.31
C GLU D 278 -5.18 -8.45 41.73
N CYS D 279 -4.74 -7.28 42.19
CA CYS D 279 -4.06 -7.17 43.47
C CYS D 279 -4.45 -5.86 44.16
N ALA D 280 -5.76 -5.70 44.31
CA ALA D 280 -6.37 -4.50 44.85
C ALA D 280 -5.84 -4.14 46.22
N ALA D 281 -5.81 -5.09 47.13
CA ALA D 281 -5.44 -4.76 48.52
C ALA D 281 -4.00 -4.23 48.68
N PRO D 282 -2.99 -4.97 48.20
CA PRO D 282 -1.65 -4.41 48.34
C PRO D 282 -1.41 -3.19 47.44
N MET D 283 -1.99 -3.16 46.24
CA MET D 283 -1.82 -2.00 45.38
C MET D 283 -2.41 -0.76 46.07
N ASN D 284 -3.65 -0.88 46.54
CA ASN D 284 -4.30 0.20 47.26
C ASN D 284 -3.44 0.67 48.43
N ARG D 285 -2.97 -0.29 49.23
CA ARG D 285 -2.13 0.02 50.40
C ARG D 285 -0.92 0.86 50.02
N LEU D 286 -0.19 0.43 48.99
CA LEU D 286 1.04 1.10 48.61
C LEU D 286 0.78 2.50 48.08
N VAL D 287 -0.29 2.65 47.30
CA VAL D 287 -0.69 3.95 46.78
C VAL D 287 -1.13 4.91 47.89
N ILE D 288 -2.03 4.45 48.74
CA ILE D 288 -2.51 5.28 49.86
C ILE D 288 -1.36 5.74 50.77
N ASP D 289 -0.46 4.82 51.11
CA ASP D 289 0.67 5.14 51.98
C ASP D 289 1.63 6.12 51.33
N PHE D 290 1.93 5.88 50.06
CA PHE D 290 2.84 6.77 49.33
C PHE D 290 2.25 8.18 49.23
N LEU D 291 0.97 8.29 48.89
CA LEU D 291 0.37 9.61 48.76
C LEU D 291 0.14 10.29 50.12
N SER D 292 0.07 9.50 51.18
CA SER D 292 -0.23 10.06 52.49
C SER D 292 0.98 10.61 53.24
N ARG D 293 2.18 10.39 52.72
CA ARG D 293 3.38 11.02 53.31
C ARG D 293 3.29 12.54 53.16
N GLY D 294 2.53 12.99 52.17
CA GLY D 294 2.25 14.41 51.96
C GLY D 294 0.96 14.82 52.62
N ARG D 295 0.75 16.12 52.78
CA ARG D 295 -0.42 16.64 53.48
C ARG D 295 -1.74 16.18 52.86
N HIS D 296 -2.73 15.92 53.71
CA HIS D 296 -4.02 15.39 53.27
C HIS D 296 -5.06 15.53 54.37
N HIS D 297 -6.33 15.31 54.03
CA HIS D 297 -7.39 15.32 55.04
C HIS D 297 -7.35 14.05 55.89
#